data_9GTT
#
_entry.id   9GTT
#
_cell.length_a   96.967
_cell.length_b   102.757
_cell.length_c   129.347
_cell.angle_alpha   90.00
_cell.angle_beta   90.00
_cell.angle_gamma   90.00
#
_symmetry.space_group_name_H-M   'P 21 21 21'
#
loop_
_entity.id
_entity.type
_entity.pdbx_description
1 polymer 'Lysosomal alpha-glucosidase'
2 branched 2-acetamido-2-deoxy-beta-D-glucopyranose-(1-4)-[alpha-L-fucopyranose-(1-6)]2-acetamido-2-deoxy-beta-D-glucopyranose
3 branched beta-D-mannopyranose-(1-4)-2-acetamido-2-deoxy-beta-D-glucopyranose-(1-4)-2-acetamido-2-deoxy-beta-D-glucopyranose
4 branched 2-acetamido-2-deoxy-beta-D-glucopyranose-(1-4)-2-acetamido-2-deoxy-beta-D-glucopyranose
5 branched alpha-D-mannopyranose-(1-3)-beta-D-mannopyranose-(1-4)-2-acetamido-2-deoxy-beta-D-glucopyranose-(1-4)-2-acetamido-2-deoxy-beta-D-glucopyranose
6 non-polymer (2R,3R,4R,5S)-2-[2-(1-adamantyl)ethyl]-2-(hydroxymethyl)piperidine-3,4,5-triol
7 non-polymer 'SULFATE ION'
8 non-polymer 'CHLORIDE ION'
9 non-polymer 1,2-ETHANEDIOL
10 non-polymer 'TRIETHYLENE GLYCOL'
11 non-polymer GLYCEROL
12 non-polymer DI(HYDROXYETHYL)ETHER
13 water water
#
_entity_poly.entity_id   1
_entity_poly.type   'polypeptide(L)'
_entity_poly.pdbx_seq_one_letter_code
;MGVRHPPCSHRLLAVCALVSLATAALLGHILLHDFLLVPRELSGSSPVLEETHPAHQQGASRPGPRDAQAHPGRPRAVPT
QCDVPPNSRFDCAPDKAITQEQCEARGCCYIPAKQGLQGAQMGQPWCFFPPSYPSYKLENLSSSEMGYTATLTRTTPTFF
PKDILTLRLDVMMETENRLHFTIKDPANRRYEVPLETPRVHSRAPSPLYSVEFSEEPFGVIVHRQLDGRVLLNTTVAPLF
FADQFLQLSTSLPSQYITGLAEHLSPLMLSTSWTRITLWNRDLAPTPGANLYGSHPFYLALEDGGSAHGVFLLNSNAMDV
VLQPSPALSWRSTGGILDVYIFLGPEPKSVVQQYLDVVGYPFMPPYWGLGFHLCRWGYSSTAITRQVVENMTRAHFPLDV
QWNDLDYMDSRRDFTFNKDGFRDFPAMVQELHQGGRRYMMIVDPAISSSGPAGSYRPYDEGLRRGVFITNETGQPLIGKV
WPGSTAFPDFTNPTALAWWEDMVAEFHDQVPFDGMWIDMNEPSNFIRGSEDGCPNNELENPPYVPGVVGGTLQAATICAS
SHQFLSTHYNLHNLYGLTEAIASHRALVKARGTRPFVISRSTFAGHGRYAGHWTGDVWSSWEQLASSVPEILQFNLLGVP
LVGADVCGFLGNTSEELCVRWTQLGAFYPFMRNHNSLLSLPQEPYSFSEPAQQAMRKALTLRYALLPHLYTLFHQAHVAG
ETVARPLFLEFPKDSSTWTVDHQLLWGEALLITPVLQAGKAEVTGYFPLGTWYDLQTVPIEALGSLPPPPAAPREPAIHS
EGQWVTLPAPLDTINVHLRAGYIIPLQGPGLTTTESRQQPMALAVALTKGGEARGELFWDDGESLEVLERGAYTQVIFLA
RNNTIVNELVRVTSEGAGLQLQKVTVLGVATAPQQVLSNGVPVSNFTYSPDTKVLDICVSLLMGEQFLVSWC
;
_entity_poly.pdbx_strand_id   A
#
# COMPACT_ATOMS: atom_id res chain seq x y z
N GLN A 81 -44.42 -9.29 -7.16
CA GLN A 81 -43.80 -8.18 -6.36
C GLN A 81 -42.56 -8.70 -5.63
N CYS A 82 -42.56 -9.99 -5.24
CA CYS A 82 -41.45 -10.66 -4.53
C CYS A 82 -40.67 -11.56 -5.49
N ASP A 83 -40.93 -11.39 -6.79
CA ASP A 83 -40.34 -12.21 -7.89
C ASP A 83 -38.97 -11.61 -8.27
N VAL A 84 -38.01 -11.62 -7.35
CA VAL A 84 -36.66 -11.06 -7.58
C VAL A 84 -35.67 -12.21 -7.75
N PRO A 85 -34.88 -12.23 -8.84
CA PRO A 85 -33.83 -13.23 -9.02
C PRO A 85 -32.93 -13.32 -7.78
N PRO A 86 -32.60 -14.56 -7.31
CA PRO A 86 -31.90 -14.72 -6.04
C PRO A 86 -30.66 -13.83 -5.87
N ASN A 87 -29.82 -13.71 -6.88
CA ASN A 87 -28.51 -13.00 -6.79
C ASN A 87 -28.71 -11.49 -6.72
N SER A 88 -29.92 -11.00 -6.98
CA SER A 88 -30.27 -9.56 -7.03
C SER A 88 -31.06 -9.16 -5.77
N ARG A 89 -31.27 -10.08 -4.84
CA ARG A 89 -31.97 -9.76 -3.57
C ARG A 89 -31.03 -8.98 -2.67
N PHE A 90 -31.48 -7.83 -2.19
CA PHE A 90 -30.76 -6.95 -1.25
C PHE A 90 -31.37 -7.10 0.15
N ASP A 91 -30.50 -7.27 1.14
CA ASP A 91 -30.86 -7.69 2.52
C ASP A 91 -31.73 -6.62 3.17
N CYS A 92 -32.92 -6.98 3.62
CA CYS A 92 -33.85 -6.07 4.33
C CYS A 92 -33.74 -6.25 5.85
N ALA A 93 -32.89 -7.18 6.31
CA ALA A 93 -32.62 -7.46 7.74
C ALA A 93 -31.11 -7.59 7.97
N PRO A 94 -30.32 -6.57 7.60
CA PRO A 94 -28.89 -6.56 7.90
C PRO A 94 -28.59 -6.29 9.38
N ASP A 95 -29.61 -5.86 10.13
CA ASP A 95 -29.46 -5.37 11.53
C ASP A 95 -29.58 -6.54 12.51
N LYS A 96 -30.47 -7.50 12.24
CA LYS A 96 -30.76 -8.61 13.19
C LYS A 96 -31.38 -9.80 12.44
N ALA A 97 -31.24 -10.99 13.03
CA ALA A 97 -31.97 -12.21 12.65
C ALA A 97 -33.46 -11.92 12.80
N ILE A 98 -34.24 -12.25 11.77
CA ILE A 98 -35.64 -11.77 11.59
C ILE A 98 -36.53 -12.98 11.29
N THR A 99 -37.72 -13.02 11.86
CA THR A 99 -38.79 -14.00 11.53
C THR A 99 -39.53 -13.53 10.27
N GLN A 100 -40.27 -14.43 9.65
CA GLN A 100 -41.06 -14.12 8.44
C GLN A 100 -42.04 -12.98 8.76
N GLU A 101 -42.73 -13.00 9.91
CA GLU A 101 -43.82 -12.05 10.20
C GLU A 101 -43.22 -10.65 10.36
N GLN A 102 -42.10 -10.54 11.08
CA GLN A 102 -41.33 -9.28 11.24
C GLN A 102 -40.88 -8.75 9.87
N CYS A 103 -40.30 -9.62 9.03
CA CYS A 103 -39.82 -9.29 7.67
C CYS A 103 -40.97 -8.65 6.86
N GLU A 104 -42.14 -9.27 6.83
CA GLU A 104 -43.31 -8.79 6.04
C GLU A 104 -43.92 -7.51 6.68
N ALA A 105 -43.78 -7.32 8.00
CA ALA A 105 -44.16 -6.09 8.74
C ALA A 105 -43.28 -4.91 8.30
N ARG A 106 -42.00 -5.14 7.98
CA ARG A 106 -41.06 -4.12 7.45
C ARG A 106 -41.43 -3.74 6.03
N GLY A 107 -42.33 -4.50 5.40
CA GLY A 107 -42.72 -4.34 3.99
C GLY A 107 -41.74 -5.04 3.07
N CYS A 108 -41.09 -6.09 3.56
CA CYS A 108 -40.09 -6.85 2.80
C CYS A 108 -40.59 -8.26 2.44
N CYS A 109 -39.90 -8.88 1.49
CA CYS A 109 -40.15 -10.25 0.98
C CYS A 109 -39.35 -11.27 1.79
N TYR A 110 -39.98 -12.38 2.16
CA TYR A 110 -39.34 -13.51 2.86
C TYR A 110 -39.43 -14.76 1.97
N ILE A 111 -38.31 -15.13 1.36
CA ILE A 111 -38.14 -16.39 0.60
C ILE A 111 -36.85 -17.04 1.08
N PRO A 112 -36.94 -18.19 1.79
CA PRO A 112 -35.74 -18.89 2.24
C PRO A 112 -34.89 -19.35 1.04
N ALA A 113 -33.56 -19.21 1.13
CA ALA A 113 -32.60 -19.75 0.13
C ALA A 113 -32.79 -21.27 0.04
N LYS A 114 -32.49 -21.86 -1.11
CA LYS A 114 -32.67 -23.32 -1.34
C LYS A 114 -31.48 -24.11 -0.73
N GLN A 115 -30.46 -23.41 -0.23
CA GLN A 115 -29.24 -24.00 0.38
C GLN A 115 -28.71 -23.10 1.51
N GLY A 123 -24.55 -15.29 3.43
CA GLY A 123 -25.20 -15.91 2.23
C GLY A 123 -26.28 -15.00 1.65
N GLN A 124 -27.04 -15.53 0.70
CA GLN A 124 -28.24 -14.90 0.10
C GLN A 124 -29.23 -14.55 1.22
N PRO A 125 -29.74 -13.30 1.28
CA PRO A 125 -30.69 -12.94 2.33
C PRO A 125 -32.07 -13.59 2.12
N TRP A 126 -32.69 -14.06 3.19
CA TRP A 126 -34.07 -14.61 3.15
C TRP A 126 -35.05 -13.46 3.13
N CYS A 127 -34.70 -12.38 3.83
CA CYS A 127 -35.49 -11.12 3.91
C CYS A 127 -34.88 -10.08 2.98
N PHE A 128 -35.60 -9.69 1.93
CA PHE A 128 -35.07 -8.73 0.92
C PHE A 128 -36.15 -7.73 0.48
N PHE A 129 -35.70 -6.60 -0.07
CA PHE A 129 -36.55 -5.48 -0.52
C PHE A 129 -37.30 -5.87 -1.78
N PRO A 130 -38.63 -5.66 -1.82
CA PRO A 130 -39.36 -5.66 -3.09
C PRO A 130 -38.88 -4.45 -3.87
N PRO A 131 -39.02 -4.44 -5.21
CA PRO A 131 -38.62 -3.26 -6.00
C PRO A 131 -39.43 -1.98 -5.68
N SER A 132 -40.53 -2.10 -4.95
CA SER A 132 -41.43 -0.99 -4.52
C SER A 132 -41.13 -0.57 -3.08
N TYR A 133 -40.10 -1.10 -2.44
CA TYR A 133 -39.80 -0.69 -1.05
C TYR A 133 -39.55 0.81 -1.06
N PRO A 134 -40.09 1.58 -0.07
CA PRO A 134 -39.93 3.04 -0.06
C PRO A 134 -38.47 3.49 0.00
N SER A 135 -38.10 4.41 -0.88
CA SER A 135 -36.75 5.01 -0.96
C SER A 135 -36.91 6.52 -0.84
N TYR A 136 -35.95 7.28 -1.36
CA TYR A 136 -36.07 8.75 -1.48
C TYR A 136 -36.62 9.04 -2.88
N LYS A 137 -37.29 10.18 -3.00
CA LYS A 137 -37.82 10.71 -4.26
C LYS A 137 -36.96 11.92 -4.64
N LEU A 138 -36.46 11.96 -5.87
CA LEU A 138 -35.76 13.16 -6.40
C LEU A 138 -36.78 14.26 -6.65
N GLU A 139 -36.47 15.50 -6.22
CA GLU A 139 -37.37 16.66 -6.36
C GLU A 139 -36.52 17.88 -6.66
N ASN A 140 -36.97 18.72 -7.58
CA ASN A 140 -36.35 20.04 -7.83
C ASN A 140 -34.92 19.88 -8.33
N LEU A 141 -34.68 18.89 -9.19
CA LEU A 141 -33.36 18.73 -9.85
C LEU A 141 -33.06 20.03 -10.58
N SER A 142 -31.88 20.60 -10.39
CA SER A 142 -31.52 21.91 -11.00
CA SER A 142 -31.52 21.91 -10.98
C SER A 142 -30.08 21.87 -11.54
N SER A 143 -29.85 22.65 -12.57
CA SER A 143 -28.54 22.81 -13.24
C SER A 143 -27.78 23.96 -12.59
N SER A 144 -26.55 23.71 -12.18
CA SER A 144 -25.56 24.71 -11.75
C SER A 144 -24.39 24.71 -12.74
N GLU A 145 -23.40 25.58 -12.54
CA GLU A 145 -22.24 25.73 -13.44
C GLU A 145 -21.18 24.67 -13.11
N MET A 146 -21.31 23.96 -11.99
CA MET A 146 -20.40 22.83 -11.66
C MET A 146 -21.06 21.49 -12.04
N GLY A 147 -22.39 21.39 -11.91
CA GLY A 147 -23.15 20.17 -12.27
C GLY A 147 -24.63 20.27 -11.89
N TYR A 148 -25.06 19.51 -10.90
CA TYR A 148 -26.50 19.37 -10.55
C TYR A 148 -26.71 19.50 -9.05
N THR A 149 -27.88 19.96 -8.66
CA THR A 149 -28.35 20.00 -7.25
CA THR A 149 -28.36 20.03 -7.26
C THR A 149 -29.82 19.56 -7.22
N ALA A 150 -30.21 18.85 -6.16
CA ALA A 150 -31.58 18.35 -5.98
C ALA A 150 -31.86 18.09 -4.49
N THR A 151 -33.14 17.98 -4.17
CA THR A 151 -33.66 17.60 -2.86
C THR A 151 -34.11 16.16 -2.97
N LEU A 152 -33.81 15.37 -1.95
CA LEU A 152 -34.25 13.97 -1.83
C LEU A 152 -35.16 13.91 -0.61
N THR A 153 -36.32 13.31 -0.79
CA THR A 153 -37.38 13.27 0.24
C THR A 153 -37.78 11.83 0.46
N ARG A 154 -37.74 11.38 1.70
CA ARG A 154 -38.30 10.09 2.13
C ARG A 154 -39.62 10.38 2.86
N THR A 155 -40.71 9.73 2.44
CA THR A 155 -42.07 9.89 2.99
CA THR A 155 -42.05 9.92 3.03
C THR A 155 -42.34 8.82 4.06
N THR A 156 -41.83 7.62 3.84
CA THR A 156 -42.00 6.44 4.75
C THR A 156 -40.71 6.16 5.51
N PRO A 157 -40.74 6.13 6.86
CA PRO A 157 -39.55 5.80 7.65
C PRO A 157 -39.09 4.35 7.43
N THR A 158 -37.79 4.12 7.58
CA THR A 158 -37.17 2.79 7.55
C THR A 158 -37.28 2.19 8.96
N PHE A 159 -36.79 0.98 9.16
CA PHE A 159 -36.75 0.29 10.47
C PHE A 159 -35.53 0.75 11.28
N PHE A 160 -34.72 1.66 10.75
CA PHE A 160 -33.60 2.28 11.51
C PHE A 160 -34.10 3.54 12.21
N PRO A 161 -33.59 3.83 13.41
CA PRO A 161 -33.90 5.08 14.10
C PRO A 161 -33.27 6.29 13.40
N LYS A 162 -33.94 7.44 13.53
CA LYS A 162 -33.45 8.79 13.15
C LYS A 162 -33.15 8.85 11.65
N ASP A 163 -34.08 8.40 10.80
CA ASP A 163 -34.06 8.67 9.34
C ASP A 163 -33.93 10.18 9.14
N ILE A 164 -33.12 10.61 8.18
CA ILE A 164 -33.06 12.02 7.75
C ILE A 164 -33.89 12.13 6.47
N LEU A 165 -35.09 12.70 6.61
CA LEU A 165 -36.19 12.59 5.60
C LEU A 165 -35.95 13.55 4.44
N THR A 166 -35.15 14.59 4.66
CA THR A 166 -34.78 15.58 3.61
C THR A 166 -33.26 15.63 3.47
N LEU A 167 -32.77 15.35 2.27
CA LEU A 167 -31.35 15.33 1.92
C LEU A 167 -31.13 16.30 0.76
N ARG A 168 -29.91 16.82 0.65
CA ARG A 168 -29.45 17.64 -0.49
C ARG A 168 -28.51 16.77 -1.35
N LEU A 169 -28.75 16.73 -2.65
CA LEU A 169 -27.83 16.09 -3.63
C LEU A 169 -27.05 17.18 -4.36
N ASP A 170 -25.72 17.04 -4.42
CA ASP A 170 -24.80 17.88 -5.24
C ASP A 170 -23.99 16.95 -6.15
N VAL A 171 -24.06 17.17 -7.46
CA VAL A 171 -23.23 16.47 -8.47
C VAL A 171 -22.30 17.50 -9.09
N MET A 172 -21.00 17.22 -9.03
CA MET A 172 -19.91 18.10 -9.55
CA MET A 172 -19.92 18.10 -9.55
C MET A 172 -19.13 17.33 -10.62
N MET A 173 -19.17 17.83 -11.84
CA MET A 173 -18.39 17.29 -12.97
C MET A 173 -17.03 17.98 -12.96
N GLU A 174 -16.10 17.42 -12.19
CA GLU A 174 -14.92 18.17 -11.67
C GLU A 174 -13.84 18.20 -12.75
N THR A 175 -13.60 17.07 -13.39
CA THR A 175 -12.72 16.94 -14.60
C THR A 175 -13.40 16.00 -15.59
N GLU A 176 -12.80 15.83 -16.76
CA GLU A 176 -13.28 14.86 -17.78
C GLU A 176 -13.18 13.42 -17.25
N ASN A 177 -12.38 13.18 -16.21
CA ASN A 177 -12.09 11.81 -15.71
C ASN A 177 -12.78 11.58 -14.37
N ARG A 178 -13.15 12.65 -13.67
CA ARG A 178 -13.59 12.61 -12.26
C ARG A 178 -15.00 13.22 -12.11
N LEU A 179 -15.95 12.38 -11.73
CA LEU A 179 -17.29 12.77 -11.27
C LEU A 179 -17.34 12.70 -9.73
N HIS A 180 -17.99 13.65 -9.10
CA HIS A 180 -18.09 13.78 -7.63
C HIS A 180 -19.53 14.12 -7.25
N PHE A 181 -20.13 13.36 -6.34
CA PHE A 181 -21.50 13.66 -5.85
C PHE A 181 -21.56 13.44 -4.35
N THR A 182 -22.28 14.32 -3.66
CA THR A 182 -22.45 14.29 -2.19
C THR A 182 -23.94 14.25 -1.88
N ILE A 183 -24.30 13.48 -0.88
CA ILE A 183 -25.66 13.49 -0.28
C ILE A 183 -25.48 13.85 1.20
N LYS A 184 -26.01 15.01 1.59
CA LYS A 184 -25.86 15.56 2.96
C LYS A 184 -27.23 15.92 3.55
N ASP A 185 -27.23 16.24 4.85
CA ASP A 185 -28.38 16.83 5.58
C ASP A 185 -28.29 18.34 5.45
N PRO A 186 -29.21 19.00 4.69
CA PRO A 186 -29.17 20.45 4.55
C PRO A 186 -29.43 21.19 5.88
N ALA A 187 -30.10 20.54 6.85
CA ALA A 187 -30.54 21.18 8.11
C ALA A 187 -29.43 21.12 9.17
N ASN A 188 -28.47 20.19 9.05
CA ASN A 188 -27.43 19.95 10.10
C ASN A 188 -26.10 19.62 9.44
N ARG A 189 -25.06 20.33 9.84
CA ARG A 189 -23.67 19.96 9.48
C ARG A 189 -23.36 18.61 10.14
N ARG A 190 -23.04 17.60 9.33
CA ARG A 190 -22.67 16.24 9.81
C ARG A 190 -21.16 16.08 9.66
N TYR A 191 -20.59 15.14 10.40
CA TYR A 191 -19.15 14.82 10.33
C TYR A 191 -18.74 14.54 8.88
N GLU A 192 -17.64 15.17 8.46
CA GLU A 192 -17.02 15.02 7.14
C GLU A 192 -15.54 14.78 7.37
N VAL A 193 -14.95 13.85 6.61
CA VAL A 193 -13.50 13.53 6.70
C VAL A 193 -12.73 14.78 6.31
N PRO A 194 -11.80 15.25 7.18
CA PRO A 194 -10.94 16.39 6.84
C PRO A 194 -9.97 16.14 5.67
N ALA A 204 -13.14 15.39 -29.67
CA ALA A 204 -14.41 15.59 -28.92
C ALA A 204 -14.11 16.02 -27.49
N PRO A 205 -14.11 17.35 -27.19
CA PRO A 205 -14.14 17.82 -25.80
C PRO A 205 -15.44 17.42 -25.08
N SER A 206 -15.32 16.53 -24.08
CA SER A 206 -16.44 15.87 -23.36
C SER A 206 -15.88 15.03 -22.22
N PRO A 207 -16.56 14.98 -21.06
CA PRO A 207 -16.19 14.04 -20.01
C PRO A 207 -16.35 12.60 -20.51
N LEU A 208 -15.62 11.66 -19.92
CA LEU A 208 -15.69 10.23 -20.28
C LEU A 208 -16.99 9.62 -19.75
N TYR A 209 -17.71 10.35 -18.89
CA TYR A 209 -18.94 9.88 -18.21
C TYR A 209 -20.14 10.71 -18.67
N SER A 210 -21.33 10.12 -18.57
CA SER A 210 -22.63 10.83 -18.57
C SER A 210 -23.37 10.41 -17.31
N VAL A 211 -24.17 11.31 -16.74
CA VAL A 211 -24.95 11.06 -15.50
C VAL A 211 -26.42 11.33 -15.82
N GLU A 212 -27.29 10.42 -15.41
CA GLU A 212 -28.76 10.59 -15.45
C GLU A 212 -29.28 10.17 -14.08
N PHE A 213 -30.55 10.47 -13.78
CA PHE A 213 -31.14 10.20 -12.43
C PHE A 213 -32.47 9.47 -12.57
N SER A 214 -32.71 8.54 -11.67
CA SER A 214 -34.03 7.94 -11.44
C SER A 214 -34.78 8.80 -10.42
N GLU A 215 -36.05 9.09 -10.66
CA GLU A 215 -36.85 10.02 -9.82
C GLU A 215 -37.38 9.25 -8.59
N GLU A 216 -37.99 8.10 -8.80
CA GLU A 216 -38.65 7.30 -7.73
C GLU A 216 -38.69 5.84 -8.14
N PRO A 217 -37.89 4.95 -7.51
CA PRO A 217 -36.98 5.33 -6.42
C PRO A 217 -35.77 6.09 -6.95
N PHE A 218 -35.19 6.94 -6.12
CA PHE A 218 -34.05 7.82 -6.49
C PHE A 218 -32.84 6.93 -6.77
N GLY A 219 -32.09 7.28 -7.81
CA GLY A 219 -30.78 6.67 -8.07
C GLY A 219 -29.95 7.54 -8.98
N VAL A 220 -28.63 7.42 -8.85
CA VAL A 220 -27.66 8.03 -9.78
C VAL A 220 -27.22 6.93 -10.75
N ILE A 221 -27.20 7.26 -12.03
CA ILE A 221 -26.77 6.34 -13.10
C ILE A 221 -25.61 7.01 -13.82
N VAL A 222 -24.45 6.36 -13.83
CA VAL A 222 -23.23 6.87 -14.52
C VAL A 222 -22.88 5.90 -15.63
N HIS A 223 -22.92 6.37 -16.87
CA HIS A 223 -22.50 5.61 -18.08
C HIS A 223 -21.08 6.01 -18.44
N ARG A 224 -20.31 5.08 -18.99
CA ARG A 224 -19.14 5.41 -19.84
C ARG A 224 -19.68 5.87 -21.20
N GLN A 225 -19.36 7.11 -21.58
CA GLN A 225 -19.80 7.73 -22.86
C GLN A 225 -19.43 6.84 -24.05
N LEU A 226 -18.20 6.33 -24.11
CA LEU A 226 -17.61 5.70 -25.33
C LEU A 226 -18.43 4.47 -25.74
N ASP A 227 -18.89 3.62 -24.81
CA ASP A 227 -19.50 2.31 -25.15
C ASP A 227 -20.90 2.12 -24.52
N GLY A 228 -21.42 3.14 -23.82
CA GLY A 228 -22.78 3.14 -23.22
C GLY A 228 -22.89 2.21 -22.00
N ARG A 229 -21.77 1.75 -21.44
CA ARG A 229 -21.77 0.81 -20.29
C ARG A 229 -22.14 1.54 -19.00
N VAL A 230 -23.02 0.92 -18.23
CA VAL A 230 -23.49 1.39 -16.90
C VAL A 230 -22.41 1.00 -15.89
N LEU A 231 -21.77 1.97 -15.26
CA LEU A 231 -20.69 1.77 -14.26
C LEU A 231 -21.31 1.84 -12.86
N LEU A 232 -22.15 2.85 -12.62
CA LEU A 232 -22.85 3.09 -11.34
C LEU A 232 -24.36 3.14 -11.60
N ASN A 233 -25.14 2.46 -10.77
CA ASN A 233 -26.62 2.55 -10.81
C ASN A 233 -27.17 2.32 -9.41
N THR A 234 -27.44 3.40 -8.68
CA THR A 234 -27.81 3.32 -7.24
C THR A 234 -29.31 3.03 -7.10
N THR A 235 -30.03 2.81 -8.20
CA THR A 235 -31.49 2.53 -8.22
C THR A 235 -31.76 1.07 -7.80
N VAL A 236 -30.73 0.21 -7.79
CA VAL A 236 -30.88 -1.26 -7.59
C VAL A 236 -31.38 -1.56 -6.18
N ALA A 237 -31.23 -0.61 -5.26
CA ALA A 237 -31.63 -0.77 -3.85
C ALA A 237 -31.98 0.57 -3.22
N PRO A 238 -32.78 0.54 -2.14
CA PRO A 238 -33.21 1.75 -1.47
C PRO A 238 -32.00 2.53 -0.94
N LEU A 239 -32.06 3.86 -0.95
CA LEU A 239 -31.10 4.71 -0.22
C LEU A 239 -31.56 4.80 1.23
N PHE A 240 -30.69 4.43 2.16
CA PHE A 240 -30.89 4.62 3.61
C PHE A 240 -29.95 5.71 4.04
N PHE A 241 -30.49 6.67 4.79
CA PHE A 241 -29.71 7.80 5.35
C PHE A 241 -30.30 8.17 6.71
N ALA A 242 -29.88 7.43 7.72
CA ALA A 242 -30.23 7.66 9.14
C ALA A 242 -28.99 8.15 9.86
N ASP A 243 -29.19 8.74 11.04
CA ASP A 243 -28.08 9.40 11.78
C ASP A 243 -26.87 8.47 11.84
N GLN A 244 -27.08 7.17 12.13
CA GLN A 244 -25.99 6.17 12.28
C GLN A 244 -26.18 4.97 11.34
N PHE A 245 -26.72 5.18 10.15
CA PHE A 245 -26.78 4.13 9.12
C PHE A 245 -27.00 4.75 7.74
N LEU A 246 -25.96 4.71 6.90
CA LEU A 246 -26.03 5.08 5.47
C LEU A 246 -25.92 3.79 4.67
N GLN A 247 -26.79 3.59 3.68
CA GLN A 247 -26.63 2.50 2.71
C GLN A 247 -26.87 3.02 1.29
N LEU A 248 -25.86 2.85 0.45
CA LEU A 248 -25.90 3.17 -0.98
C LEU A 248 -25.39 1.95 -1.73
N SER A 249 -26.19 1.43 -2.65
CA SER A 249 -25.88 0.25 -3.46
C SER A 249 -25.72 0.67 -4.92
N THR A 250 -25.06 -0.17 -5.70
CA THR A 250 -24.86 -0.01 -7.17
C THR A 250 -24.68 -1.39 -7.77
N SER A 251 -25.10 -1.56 -9.02
CA SER A 251 -24.68 -2.68 -9.87
C SER A 251 -23.19 -2.52 -10.16
N LEU A 252 -22.49 -3.62 -10.38
CA LEU A 252 -21.08 -3.61 -10.82
C LEU A 252 -21.05 -4.05 -12.26
N PRO A 253 -20.06 -3.60 -13.05
CA PRO A 253 -20.04 -3.90 -14.49
C PRO A 253 -19.53 -5.31 -14.78
N SER A 254 -18.88 -5.96 -13.82
CA SER A 254 -18.34 -7.34 -13.96
C SER A 254 -18.17 -8.00 -12.59
N GLN A 255 -17.78 -9.27 -12.57
CA GLN A 255 -17.46 -10.03 -11.33
C GLN A 255 -16.06 -9.66 -10.80
N TYR A 256 -15.37 -8.71 -11.43
CA TYR A 256 -13.94 -8.39 -11.14
C TYR A 256 -13.82 -7.01 -10.51
N ILE A 257 -13.55 -7.03 -9.20
CA ILE A 257 -13.39 -5.83 -8.34
C ILE A 257 -12.24 -6.07 -7.36
N THR A 258 -11.40 -5.07 -7.19
CA THR A 258 -10.27 -5.08 -6.22
C THR A 258 -10.35 -3.80 -5.38
N GLY A 259 -9.82 -3.87 -4.17
CA GLY A 259 -9.64 -2.71 -3.27
C GLY A 259 -10.15 -3.04 -1.89
N LEU A 260 -10.68 -2.05 -1.19
CA LEU A 260 -11.33 -2.20 0.14
C LEU A 260 -10.37 -2.85 1.14
N ALA A 261 -9.10 -2.42 1.18
CA ALA A 261 -8.12 -2.83 2.21
C ALA A 261 -8.64 -2.42 3.59
N GLU A 262 -8.17 -3.07 4.66
CA GLU A 262 -7.08 -4.04 4.65
C GLU A 262 -7.63 -5.41 5.08
N HIS A 263 -7.56 -6.39 4.19
CA HIS A 263 -8.05 -7.77 4.43
C HIS A 263 -7.08 -8.77 3.83
N LEU A 264 -6.98 -9.96 4.43
CA LEU A 264 -6.22 -11.11 3.88
C LEU A 264 -7.12 -11.78 2.87
N SER A 265 -6.87 -11.53 1.60
CA SER A 265 -7.81 -11.84 0.49
C SER A 265 -7.04 -11.93 -0.81
N PRO A 266 -7.56 -12.68 -1.82
CA PRO A 266 -7.08 -12.53 -3.19
C PRO A 266 -7.17 -11.06 -3.65
N LEU A 267 -6.43 -10.69 -4.68
CA LEU A 267 -6.45 -9.31 -5.22
C LEU A 267 -7.86 -9.01 -5.74
N MET A 268 -8.47 -9.97 -6.41
CA MET A 268 -9.87 -9.87 -6.91
C MET A 268 -10.81 -10.41 -5.84
N LEU A 269 -11.63 -9.54 -5.28
CA LEU A 269 -12.57 -9.86 -4.18
C LEU A 269 -13.67 -10.78 -4.71
N SER A 270 -14.11 -11.72 -3.87
CA SER A 270 -15.25 -12.63 -4.13
C SER A 270 -16.58 -11.86 -4.06
N THR A 271 -17.44 -12.01 -5.06
CA THR A 271 -18.77 -11.36 -5.09
C THR A 271 -19.86 -12.32 -4.59
N SER A 272 -19.49 -13.44 -3.96
CA SER A 272 -20.42 -14.45 -3.39
C SER A 272 -20.86 -14.04 -1.99
N TRP A 273 -21.67 -13.00 -1.87
CA TRP A 273 -22.25 -12.60 -0.57
C TRP A 273 -21.12 -12.37 0.42
N THR A 274 -20.12 -11.59 0.01
CA THR A 274 -18.95 -11.26 0.85
C THR A 274 -19.24 -9.98 1.61
N ARG A 275 -19.03 -10.00 2.92
CA ARG A 275 -19.09 -8.81 3.79
C ARG A 275 -17.66 -8.38 4.12
N ILE A 276 -17.26 -7.18 3.69
CA ILE A 276 -15.92 -6.60 3.95
C ILE A 276 -16.07 -5.45 4.95
N THR A 277 -15.47 -5.60 6.12
CA THR A 277 -15.58 -4.64 7.25
C THR A 277 -14.33 -3.75 7.31
N LEU A 278 -14.56 -2.44 7.33
CA LEU A 278 -13.52 -1.40 7.48
C LEU A 278 -13.62 -0.83 8.90
N TRP A 279 -12.83 -1.37 9.81
CA TRP A 279 -12.67 -0.86 11.19
C TRP A 279 -11.26 -1.21 11.69
N ASN A 280 -10.39 -0.23 11.73
CA ASN A 280 -8.95 -0.44 12.02
C ASN A 280 -8.84 -1.24 13.32
N ARG A 281 -8.26 -2.43 13.23
CA ARG A 281 -8.24 -3.42 14.31
C ARG A 281 -6.88 -4.11 14.36
N ASP A 282 -6.32 -4.20 15.56
CA ASP A 282 -5.09 -4.94 15.86
C ASP A 282 -5.46 -6.42 15.91
N LEU A 283 -5.12 -7.16 14.86
CA LEU A 283 -5.37 -8.61 14.75
C LEU A 283 -4.38 -9.19 13.74
N ALA A 284 -3.78 -10.33 14.08
CA ALA A 284 -2.88 -11.07 13.18
C ALA A 284 -3.66 -11.38 11.91
N PRO A 285 -3.15 -11.01 10.73
CA PRO A 285 -3.86 -11.24 9.48
C PRO A 285 -4.41 -12.66 9.36
N THR A 286 -5.73 -12.74 9.19
CA THR A 286 -6.54 -13.97 9.02
C THR A 286 -7.69 -13.58 8.09
N PRO A 287 -8.22 -14.52 7.27
CA PRO A 287 -9.30 -14.19 6.33
C PRO A 287 -10.62 -13.80 7.00
N GLY A 288 -11.40 -12.94 6.34
CA GLY A 288 -12.77 -12.57 6.78
C GLY A 288 -12.78 -11.65 7.99
N ALA A 289 -11.67 -11.00 8.33
CA ALA A 289 -11.51 -10.13 9.52
C ALA A 289 -11.17 -8.70 9.09
N ASN A 290 -11.71 -7.72 9.80
CA ASN A 290 -11.23 -6.32 9.69
C ASN A 290 -9.79 -6.25 10.25
N LEU A 291 -8.84 -5.77 9.46
CA LEU A 291 -7.42 -5.65 9.89
C LEU A 291 -7.06 -4.19 10.13
N TYR A 292 -5.78 -3.84 10.00
CA TYR A 292 -5.19 -2.62 10.62
C TYR A 292 -5.65 -1.35 9.90
N GLY A 293 -6.05 -1.46 8.63
CA GLY A 293 -6.36 -0.27 7.79
C GLY A 293 -7.72 -0.34 7.14
N SER A 294 -8.18 0.80 6.66
CA SER A 294 -9.48 0.98 5.98
C SER A 294 -9.27 1.89 4.76
N HIS A 295 -9.52 1.37 3.57
CA HIS A 295 -9.39 2.12 2.28
C HIS A 295 -10.69 1.95 1.49
N PRO A 296 -11.68 2.86 1.67
CA PRO A 296 -12.99 2.71 1.05
C PRO A 296 -12.96 3.11 -0.43
N PHE A 297 -12.19 2.35 -1.20
CA PHE A 297 -11.99 2.53 -2.65
C PHE A 297 -12.03 1.18 -3.33
N TYR A 298 -12.67 1.10 -4.48
CA TYR A 298 -12.61 -0.09 -5.34
C TYR A 298 -12.32 0.33 -6.77
N LEU A 299 -11.69 -0.60 -7.48
CA LEU A 299 -11.43 -0.53 -8.92
C LEU A 299 -12.17 -1.70 -9.57
N ALA A 300 -13.02 -1.42 -10.55
CA ALA A 300 -13.88 -2.41 -11.20
C ALA A 300 -13.45 -2.55 -12.64
N LEU A 301 -13.20 -3.77 -13.09
CA LEU A 301 -12.88 -4.10 -14.49
C LEU A 301 -14.19 -4.30 -15.28
N GLU A 302 -14.17 -3.86 -16.53
CA GLU A 302 -15.26 -4.02 -17.51
C GLU A 302 -14.76 -4.93 -18.64
N ASP A 303 -15.66 -5.73 -19.21
CA ASP A 303 -15.40 -6.54 -20.43
C ASP A 303 -14.63 -5.66 -21.43
N GLY A 304 -13.48 -6.10 -21.90
CA GLY A 304 -12.70 -5.36 -22.91
C GLY A 304 -11.46 -4.72 -22.31
N GLY A 305 -11.37 -4.60 -21.00
CA GLY A 305 -10.14 -4.15 -20.31
C GLY A 305 -10.16 -2.67 -19.93
N SER A 306 -11.30 -2.01 -20.03
CA SER A 306 -11.52 -0.68 -19.39
C SER A 306 -11.79 -0.92 -17.91
N ALA A 307 -11.74 0.14 -17.11
CA ALA A 307 -11.92 0.08 -15.64
C ALA A 307 -12.38 1.44 -15.14
N HIS A 308 -13.05 1.44 -13.99
CA HIS A 308 -13.44 2.67 -13.28
C HIS A 308 -13.15 2.43 -11.80
N GLY A 309 -12.99 3.51 -11.07
CA GLY A 309 -12.82 3.45 -9.61
C GLY A 309 -13.91 4.22 -8.90
N VAL A 310 -14.25 3.77 -7.70
CA VAL A 310 -15.20 4.50 -6.81
C VAL A 310 -14.54 4.66 -5.44
N PHE A 311 -14.55 5.89 -4.94
CA PHE A 311 -14.03 6.26 -3.61
C PHE A 311 -15.16 6.84 -2.80
N LEU A 312 -15.43 6.25 -1.63
CA LEU A 312 -16.41 6.80 -0.67
C LEU A 312 -15.64 7.48 0.47
N LEU A 313 -15.54 8.81 0.47
CA LEU A 313 -14.79 9.58 1.49
C LEU A 313 -15.60 9.54 2.79
N ASN A 314 -15.48 8.43 3.49
CA ASN A 314 -16.22 8.14 4.74
C ASN A 314 -15.27 7.35 5.65
N SER A 315 -15.01 7.84 6.87
CA SER A 315 -14.04 7.23 7.82
C SER A 315 -14.74 6.49 8.95
N ASN A 316 -16.06 6.31 8.88
CA ASN A 316 -16.85 5.61 9.92
C ASN A 316 -16.70 4.11 9.71
N ALA A 317 -16.91 3.31 10.76
CA ALA A 317 -17.01 1.84 10.66
C ALA A 317 -18.02 1.53 9.56
N MET A 318 -17.68 0.63 8.63
CA MET A 318 -18.64 0.25 7.55
C MET A 318 -18.44 -1.19 7.08
N ASP A 319 -19.52 -1.80 6.62
CA ASP A 319 -19.52 -3.04 5.81
C ASP A 319 -19.64 -2.66 4.35
N VAL A 320 -18.93 -3.36 3.48
CA VAL A 320 -19.19 -3.38 2.03
C VAL A 320 -19.63 -4.81 1.68
N VAL A 321 -20.88 -4.96 1.24
CA VAL A 321 -21.49 -6.27 0.89
C VAL A 321 -21.49 -6.41 -0.63
N LEU A 322 -20.82 -7.44 -1.14
CA LEU A 322 -20.75 -7.78 -2.58
C LEU A 322 -21.69 -8.95 -2.83
N GLN A 323 -22.50 -8.89 -3.89
CA GLN A 323 -23.35 -10.04 -4.26
C GLN A 323 -23.16 -10.37 -5.73
N PRO A 324 -23.53 -11.61 -6.14
CA PRO A 324 -23.15 -12.15 -7.45
C PRO A 324 -23.91 -11.61 -8.66
N SER A 325 -24.86 -10.69 -8.48
CA SER A 325 -25.72 -10.11 -9.56
C SER A 325 -24.94 -9.61 -10.79
N PRO A 326 -23.81 -8.88 -10.70
CA PRO A 326 -23.13 -8.49 -9.47
C PRO A 326 -23.46 -7.07 -9.03
N ALA A 327 -23.35 -6.81 -7.73
CA ALA A 327 -23.70 -5.52 -7.12
C ALA A 327 -22.90 -5.35 -5.83
N LEU A 328 -22.95 -4.16 -5.28
CA LEU A 328 -22.20 -3.76 -4.07
C LEU A 328 -23.09 -2.83 -3.26
N SER A 329 -23.02 -2.91 -1.93
CA SER A 329 -23.66 -1.99 -0.99
C SER A 329 -22.62 -1.43 -0.02
N TRP A 330 -22.47 -0.12 0.03
CA TRP A 330 -21.79 0.58 1.15
C TRP A 330 -22.78 0.72 2.30
N ARG A 331 -22.39 0.30 3.50
CA ARG A 331 -23.17 0.47 4.74
C ARG A 331 -22.27 1.12 5.78
N SER A 332 -22.42 2.41 6.01
CA SER A 332 -21.59 3.15 6.97
C SER A 332 -22.41 3.45 8.21
N THR A 333 -21.74 3.64 9.34
CA THR A 333 -22.38 3.92 10.64
C THR A 333 -22.34 5.43 10.91
N GLY A 334 -21.99 6.26 9.93
CA GLY A 334 -22.13 7.71 10.13
C GLY A 334 -21.65 8.54 8.96
N GLY A 335 -21.45 9.82 9.22
CA GLY A 335 -20.93 10.79 8.25
C GLY A 335 -21.94 11.03 7.14
N ILE A 336 -21.45 11.29 5.94
CA ILE A 336 -22.30 11.60 4.74
C ILE A 336 -21.85 10.67 3.61
N LEU A 337 -22.57 10.68 2.49
CA LEU A 337 -22.12 10.01 1.25
C LEU A 337 -21.37 11.04 0.40
N ASP A 338 -20.07 10.86 0.32
CA ASP A 338 -19.16 11.69 -0.50
C ASP A 338 -18.48 10.73 -1.46
N VAL A 339 -18.88 10.76 -2.72
CA VAL A 339 -18.55 9.69 -3.69
C VAL A 339 -17.78 10.31 -4.88
N TYR A 340 -16.64 9.71 -5.21
CA TYR A 340 -15.85 10.04 -6.42
C TYR A 340 -15.88 8.83 -7.34
N ILE A 341 -16.17 9.07 -8.62
CA ILE A 341 -16.07 8.05 -9.69
C ILE A 341 -14.95 8.47 -10.63
N PHE A 342 -14.03 7.55 -10.92
CA PHE A 342 -12.85 7.78 -11.78
C PHE A 342 -13.01 6.92 -13.04
N LEU A 343 -12.95 7.53 -14.20
CA LEU A 343 -13.42 6.88 -15.46
C LEU A 343 -12.29 6.16 -16.19
N GLY A 344 -11.05 6.32 -15.75
CA GLY A 344 -9.89 5.65 -16.37
C GLY A 344 -9.64 6.25 -17.76
N PRO A 345 -9.78 5.48 -18.86
CA PRO A 345 -10.33 4.11 -18.84
C PRO A 345 -9.37 2.97 -18.51
N GLU A 346 -8.07 3.19 -18.63
CA GLU A 346 -7.03 2.18 -18.29
C GLU A 346 -6.97 2.03 -16.77
N PRO A 347 -6.83 0.81 -16.24
CA PRO A 347 -6.65 0.63 -14.80
C PRO A 347 -5.60 1.53 -14.15
N LYS A 348 -4.48 1.80 -14.83
CA LYS A 348 -3.39 2.65 -14.30
C LYS A 348 -3.87 4.11 -14.20
N SER A 349 -4.71 4.58 -15.13
CA SER A 349 -5.30 5.94 -15.10
C SER A 349 -6.30 6.04 -13.95
N VAL A 350 -7.05 4.96 -13.67
CA VAL A 350 -7.99 4.93 -12.52
C VAL A 350 -7.17 5.21 -11.26
N VAL A 351 -6.05 4.52 -11.11
CA VAL A 351 -5.21 4.62 -9.88
C VAL A 351 -4.66 6.04 -9.82
N GLN A 352 -4.11 6.52 -10.93
CA GLN A 352 -3.59 7.91 -10.99
C GLN A 352 -4.71 8.91 -10.64
N GLN A 353 -5.94 8.68 -11.11
CA GLN A 353 -7.08 9.60 -10.92
C GLN A 353 -7.50 9.63 -9.44
N TYR A 354 -7.45 8.47 -8.79
CA TYR A 354 -7.75 8.30 -7.34
C TYR A 354 -6.69 9.07 -6.54
N LEU A 355 -5.43 8.94 -6.92
CA LEU A 355 -4.30 9.53 -6.18
C LEU A 355 -4.27 11.04 -6.42
N ASP A 356 -4.88 11.56 -7.50
CA ASP A 356 -5.09 13.02 -7.73
CA ASP A 356 -5.02 13.03 -7.69
C ASP A 356 -5.95 13.60 -6.60
N VAL A 357 -6.80 12.77 -6.01
CA VAL A 357 -7.70 13.20 -4.91
C VAL A 357 -7.01 12.95 -3.55
N VAL A 358 -6.42 11.78 -3.31
CA VAL A 358 -5.96 11.41 -1.93
C VAL A 358 -4.48 11.77 -1.76
N GLY A 359 -3.74 11.97 -2.85
CA GLY A 359 -2.33 12.39 -2.84
C GLY A 359 -1.40 11.38 -3.51
N TYR A 360 -0.42 11.86 -4.25
CA TYR A 360 0.68 11.07 -4.83
C TYR A 360 1.55 10.54 -3.70
N PRO A 361 2.04 9.28 -3.81
CA PRO A 361 2.97 8.71 -2.84
C PRO A 361 4.17 9.62 -2.56
N PHE A 362 4.61 9.64 -1.33
CA PHE A 362 5.79 10.42 -0.90
C PHE A 362 7.02 9.79 -1.52
N MET A 363 8.09 10.56 -1.71
CA MET A 363 9.38 10.06 -2.22
C MET A 363 10.24 9.59 -1.05
N PRO A 364 10.54 8.30 -0.91
CA PRO A 364 11.36 7.84 0.19
C PRO A 364 12.82 8.26 -0.02
N PRO A 365 13.63 8.30 1.04
CA PRO A 365 15.07 8.40 0.88
C PRO A 365 15.60 7.12 0.21
N TYR A 366 16.66 7.23 -0.57
CA TYR A 366 17.24 6.09 -1.32
C TYR A 366 17.57 4.96 -0.34
N TRP A 367 18.09 5.30 0.85
CA TRP A 367 18.52 4.32 1.85
C TRP A 367 17.33 3.48 2.34
N GLY A 368 16.11 4.02 2.25
CA GLY A 368 14.87 3.34 2.68
C GLY A 368 14.58 2.13 1.81
N LEU A 369 15.17 2.07 0.62
CA LEU A 369 14.97 0.97 -0.36
C LEU A 369 16.01 -0.14 -0.13
N GLY A 370 17.00 0.07 0.72
CA GLY A 370 17.94 -1.00 1.11
C GLY A 370 17.32 -2.00 2.08
N PHE A 371 18.13 -2.92 2.59
CA PHE A 371 17.70 -4.00 3.51
C PHE A 371 17.58 -3.45 4.93
N HIS A 372 16.43 -3.73 5.57
CA HIS A 372 16.12 -3.45 6.98
C HIS A 372 16.12 -4.75 7.78
N LEU A 373 16.66 -4.73 8.99
CA LEU A 373 16.73 -5.92 9.87
C LEU A 373 16.28 -5.52 11.27
N CYS A 374 15.31 -6.23 11.81
CA CYS A 374 14.71 -5.92 13.12
C CYS A 374 14.30 -7.19 13.84
N ARG A 375 14.16 -7.10 15.15
CA ARG A 375 13.37 -8.06 15.95
C ARG A 375 13.23 -7.48 17.35
N TRP A 376 12.24 -7.96 18.06
CA TRP A 376 12.17 -7.85 19.53
C TRP A 376 13.03 -8.97 20.10
N GLY A 377 14.09 -8.62 20.83
CA GLY A 377 15.07 -9.58 21.38
C GLY A 377 16.51 -9.10 21.22
N TYR A 378 16.73 -8.00 20.51
CA TYR A 378 18.04 -7.29 20.47
C TYR A 378 18.09 -6.40 21.73
N SER A 379 18.43 -7.00 22.86
CA SER A 379 18.18 -6.51 24.24
C SER A 379 19.35 -5.67 24.75
N SER A 380 20.32 -5.36 23.91
CA SER A 380 21.41 -4.42 24.28
C SER A 380 22.03 -3.84 23.01
N THR A 381 22.81 -2.76 23.16
CA THR A 381 23.61 -2.14 22.07
C THR A 381 24.67 -3.15 21.59
N ALA A 382 25.12 -4.03 22.48
CA ALA A 382 26.18 -5.04 22.15
C ALA A 382 25.59 -6.08 21.21
N ILE A 383 24.42 -6.62 21.53
CA ILE A 383 23.72 -7.61 20.66
C ILE A 383 23.35 -6.92 19.34
N THR A 384 22.87 -5.68 19.38
CA THR A 384 22.44 -4.92 18.18
C THR A 384 23.66 -4.70 17.28
N ARG A 385 24.82 -4.35 17.85
CA ARG A 385 26.10 -4.18 17.09
C ARG A 385 26.49 -5.51 16.45
N GLN A 386 26.33 -6.63 17.16
CA GLN A 386 26.67 -7.98 16.66
C GLN A 386 25.85 -8.32 15.41
N VAL A 387 24.61 -7.84 15.31
CA VAL A 387 23.75 -8.11 14.13
C VAL A 387 24.45 -7.53 12.90
N VAL A 388 24.91 -6.29 13.01
CA VAL A 388 25.58 -5.56 11.91
C VAL A 388 26.93 -6.24 11.61
N GLU A 389 27.67 -6.60 12.66
CA GLU A 389 28.97 -7.30 12.55
C GLU A 389 28.73 -8.62 11.79
N ASN A 390 27.68 -9.36 12.17
CA ASN A 390 27.40 -10.72 11.62
C ASN A 390 26.93 -10.62 10.18
N MET A 391 26.15 -9.59 9.85
CA MET A 391 25.70 -9.37 8.45
C MET A 391 26.92 -9.01 7.61
N THR A 392 27.77 -8.12 8.12
CA THR A 392 28.97 -7.62 7.41
C THR A 392 29.95 -8.78 7.17
N ARG A 393 30.22 -9.60 8.19
CA ARG A 393 31.17 -10.74 8.10
C ARG A 393 30.70 -11.75 7.02
N ALA A 394 29.38 -11.90 6.80
CA ALA A 394 28.83 -12.89 5.83
C ALA A 394 28.47 -12.21 4.51
N HIS A 395 28.85 -10.95 4.30
CA HIS A 395 28.66 -10.21 3.03
C HIS A 395 27.16 -10.00 2.70
N PHE A 396 26.32 -9.74 3.71
CA PHE A 396 24.89 -9.40 3.49
C PHE A 396 24.74 -7.89 3.60
N PRO A 397 24.23 -7.22 2.55
CA PRO A 397 23.92 -5.80 2.61
C PRO A 397 22.95 -5.55 3.74
N LEU A 398 23.12 -4.42 4.42
CA LEU A 398 22.21 -3.94 5.48
C LEU A 398 22.30 -2.41 5.51
N ASP A 399 21.22 -1.72 5.16
CA ASP A 399 21.21 -0.24 5.14
C ASP A 399 20.74 0.28 6.50
N VAL A 400 19.82 -0.41 7.15
CA VAL A 400 19.11 0.13 8.33
C VAL A 400 19.01 -0.93 9.42
N GLN A 401 19.57 -0.64 10.58
CA GLN A 401 19.38 -1.46 11.80
C GLN A 401 18.19 -0.89 12.57
N TRP A 402 17.29 -1.75 13.05
CA TRP A 402 16.12 -1.34 13.85
C TRP A 402 16.23 -1.91 15.27
N ASN A 403 15.49 -1.32 16.19
CA ASN A 403 15.18 -1.90 17.52
C ASN A 403 13.67 -1.80 17.76
N ASP A 404 13.12 -2.84 18.33
CA ASP A 404 11.73 -2.90 18.85
C ASP A 404 11.76 -2.32 20.26
N LEU A 405 10.87 -2.78 21.16
CA LEU A 405 10.67 -2.24 22.53
C LEU A 405 11.95 -2.28 23.37
N ASP A 406 12.94 -3.10 22.99
CA ASP A 406 14.16 -3.37 23.79
C ASP A 406 14.82 -2.08 24.28
N TYR A 407 14.86 -1.03 23.44
CA TYR A 407 15.71 0.17 23.67
C TYR A 407 15.12 1.02 24.80
N MET A 408 13.81 0.92 25.03
CA MET A 408 13.08 1.84 25.92
C MET A 408 13.39 1.55 27.39
N ASP A 409 13.17 2.55 28.24
CA ASP A 409 13.07 2.36 29.71
C ASP A 409 11.62 2.01 30.06
N SER A 410 11.38 0.75 30.44
CA SER A 410 10.06 0.19 30.87
C SER A 410 9.01 0.38 29.77
N ARG A 411 9.42 0.24 28.51
CA ARG A 411 8.52 0.22 27.34
C ARG A 411 7.81 1.58 27.16
N ARG A 412 8.52 2.67 27.47
CA ARG A 412 8.01 4.06 27.34
C ARG A 412 8.71 4.78 26.17
N ASP A 413 7.92 5.40 25.30
CA ASP A 413 8.38 6.30 24.21
C ASP A 413 9.35 7.35 24.78
N PHE A 414 10.29 7.77 23.93
CA PHE A 414 11.19 8.92 24.14
C PHE A 414 12.02 8.71 25.41
N THR A 415 12.33 7.45 25.72
CA THR A 415 13.32 7.02 26.75
C THR A 415 14.24 5.93 26.19
N PHE A 416 15.39 5.71 26.84
CA PHE A 416 16.19 4.48 26.66
C PHE A 416 16.68 4.01 28.03
N ASN A 417 16.75 2.69 28.23
CA ASN A 417 17.15 2.10 29.52
C ASN A 417 18.67 2.25 29.70
N LYS A 418 19.14 2.31 30.95
CA LYS A 418 20.56 2.53 31.32
C LYS A 418 21.23 1.20 31.69
N ASP A 419 20.65 0.06 31.25
CA ASP A 419 21.26 -1.30 31.29
C ASP A 419 21.89 -1.61 29.92
N GLY A 420 21.17 -2.37 29.09
CA GLY A 420 21.60 -2.81 27.75
C GLY A 420 21.79 -1.65 26.79
N PHE A 421 21.14 -0.50 27.02
CA PHE A 421 21.09 0.62 26.06
C PHE A 421 21.69 1.90 26.65
N ARG A 422 22.55 1.78 27.67
CA ARG A 422 23.27 2.91 28.31
C ARG A 422 24.01 3.77 27.26
N ASP A 423 24.59 3.15 26.24
CA ASP A 423 25.41 3.83 25.19
C ASP A 423 24.65 3.89 23.85
N PHE A 424 23.32 3.96 23.91
CA PHE A 424 22.42 4.07 22.74
C PHE A 424 22.92 5.17 21.81
N PRO A 425 23.17 6.41 22.29
CA PRO A 425 23.51 7.50 21.37
C PRO A 425 24.76 7.12 20.56
N ALA A 426 25.75 6.52 21.21
CA ALA A 426 27.06 6.23 20.59
C ALA A 426 26.86 5.11 19.57
N MET A 427 25.99 4.15 19.86
CA MET A 427 25.69 3.06 18.89
C MET A 427 25.13 3.66 17.59
N VAL A 428 24.18 4.59 17.69
CA VAL A 428 23.52 5.16 16.49
C VAL A 428 24.56 6.02 15.73
N GLN A 429 25.44 6.72 16.46
CA GLN A 429 26.52 7.53 15.84
C GLN A 429 27.46 6.60 15.08
N GLU A 430 27.79 5.44 15.67
CA GLU A 430 28.67 4.43 15.02
C GLU A 430 28.00 3.92 13.75
N LEU A 431 26.70 3.60 13.78
CA LEU A 431 25.98 3.13 12.58
C LEU A 431 26.17 4.14 11.46
N HIS A 432 26.01 5.44 11.77
CA HIS A 432 26.11 6.55 10.79
C HIS A 432 27.53 6.60 10.22
N GLN A 433 28.53 6.46 11.09
CA GLN A 433 29.96 6.49 10.68
C GLN A 433 30.22 5.41 9.64
N GLY A 434 29.60 4.23 9.79
CA GLY A 434 29.73 3.10 8.86
C GLY A 434 28.84 3.21 7.62
N GLY A 435 28.04 4.28 7.48
CA GLY A 435 27.22 4.54 6.27
C GLY A 435 25.83 3.92 6.34
N ARG A 436 25.36 3.58 7.54
CA ARG A 436 24.05 2.92 7.76
C ARG A 436 23.11 3.90 8.48
N ARG A 437 21.81 3.56 8.53
CA ARG A 437 20.79 4.36 9.23
C ARG A 437 20.20 3.52 10.36
N TYR A 438 19.45 4.17 11.24
CA TYR A 438 18.80 3.57 12.42
C TYR A 438 17.32 3.93 12.44
N MET A 439 16.47 2.94 12.75
CA MET A 439 15.00 3.06 12.93
C MET A 439 14.66 2.46 14.29
N MET A 440 13.69 3.03 15.01
CA MET A 440 13.19 2.37 16.23
C MET A 440 11.66 2.51 16.34
N ILE A 441 11.04 1.60 17.07
CA ILE A 441 9.57 1.57 17.24
C ILE A 441 9.14 2.76 18.08
N VAL A 442 8.01 3.34 17.74
CA VAL A 442 7.29 4.34 18.58
C VAL A 442 5.82 3.91 18.64
N ASP A 443 5.26 3.83 19.86
CA ASP A 443 3.84 3.47 20.11
C ASP A 443 3.06 4.78 20.34
N PRO A 444 1.74 4.82 20.04
CA PRO A 444 0.98 6.05 20.24
C PRO A 444 0.86 6.36 21.74
N ALA A 445 0.60 5.34 22.55
CA ALA A 445 0.13 5.48 23.94
C ALA A 445 1.29 5.95 24.82
N ILE A 446 0.99 6.82 25.79
CA ILE A 446 1.95 7.53 26.65
C ILE A 446 1.68 7.16 28.11
N SER A 447 2.69 6.60 28.78
CA SER A 447 2.62 6.13 30.18
C SER A 447 2.05 7.24 31.07
N SER A 448 0.97 6.93 31.78
CA SER A 448 0.22 7.90 32.60
C SER A 448 0.43 7.67 34.11
N SER A 449 1.20 6.66 34.49
CA SER A 449 1.22 6.14 35.89
C SER A 449 2.47 6.58 36.62
N GLY A 450 3.45 7.15 35.92
CA GLY A 450 4.70 7.57 36.56
C GLY A 450 4.42 8.66 37.59
N PRO A 451 5.30 8.87 38.59
CA PRO A 451 5.18 10.02 39.50
C PRO A 451 5.23 11.34 38.71
N ALA A 452 4.37 12.28 39.07
CA ALA A 452 4.25 13.60 38.39
C ALA A 452 5.63 14.25 38.32
N GLY A 453 5.97 14.80 37.17
CA GLY A 453 7.24 15.51 36.96
C GLY A 453 8.39 14.58 36.57
N SER A 454 8.19 13.27 36.56
CA SER A 454 9.27 12.27 36.30
C SER A 454 9.29 11.80 34.82
N TYR A 455 8.25 12.10 34.01
CA TYR A 455 8.11 11.61 32.61
C TYR A 455 7.51 12.70 31.74
N ARG A 456 8.38 13.44 31.07
CA ARG A 456 8.04 14.72 30.38
C ARG A 456 6.99 14.49 29.30
N PRO A 457 7.03 13.43 28.45
CA PRO A 457 6.00 13.28 27.42
C PRO A 457 4.57 13.30 27.98
N TYR A 458 4.33 12.66 29.12
CA TYR A 458 3.01 12.66 29.78
C TYR A 458 2.78 14.02 30.46
N ASP A 459 3.77 14.54 31.19
CA ASP A 459 3.64 15.77 31.99
C ASP A 459 3.32 16.95 31.05
N GLU A 460 4.08 17.09 29.97
CA GLU A 460 3.86 18.09 28.91
C GLU A 460 2.52 17.84 28.19
N GLY A 461 2.22 16.58 27.85
CA GLY A 461 0.95 16.23 27.18
C GLY A 461 -0.25 16.68 28.00
N LEU A 462 -0.15 16.49 29.31
CA LEU A 462 -1.22 16.81 30.29
C LEU A 462 -1.40 18.33 30.35
N ARG A 463 -0.28 19.06 30.36
CA ARG A 463 -0.25 20.54 30.46
C ARG A 463 -0.89 21.17 29.20
N ARG A 464 -0.64 20.59 28.02
CA ARG A 464 -1.05 21.18 26.73
C ARG A 464 -2.40 20.60 26.30
N GLY A 465 -2.95 19.63 27.04
CA GLY A 465 -4.23 18.97 26.74
C GLY A 465 -4.17 18.19 25.43
N VAL A 466 -3.11 17.43 25.20
CA VAL A 466 -2.89 16.75 23.89
C VAL A 466 -3.68 15.44 23.81
N PHE A 467 -4.22 14.93 24.91
CA PHE A 467 -4.75 13.55 24.97
C PHE A 467 -6.25 13.50 24.70
N ILE A 468 -6.70 12.35 24.18
CA ILE A 468 -8.13 11.99 24.01
C ILE A 468 -8.74 11.93 25.40
N THR A 469 -9.93 12.49 25.56
CA THR A 469 -10.58 12.66 26.88
C THR A 469 -11.92 11.91 26.89
N ASN A 470 -12.40 11.63 28.09
CA ASN A 470 -13.66 10.85 28.28
C ASN A 470 -14.75 11.83 28.69
N GLU A 471 -15.87 11.27 29.16
CA GLU A 471 -17.13 12.00 29.44
C GLU A 471 -16.85 13.11 30.46
N THR A 472 -16.04 12.85 31.48
CA THR A 472 -15.79 13.80 32.60
C THR A 472 -14.67 14.77 32.23
N GLY A 473 -14.10 14.68 31.03
CA GLY A 473 -13.10 15.62 30.49
C GLY A 473 -11.67 15.22 30.84
N GLN A 474 -11.46 14.05 31.45
CA GLN A 474 -10.10 13.61 31.85
C GLN A 474 -9.52 12.73 30.75
N PRO A 475 -8.20 12.50 30.76
CA PRO A 475 -7.58 11.65 29.74
C PRO A 475 -8.19 10.25 29.81
N LEU A 476 -8.55 9.70 28.65
CA LEU A 476 -9.02 8.29 28.57
C LEU A 476 -7.79 7.42 28.80
N ILE A 477 -7.84 6.56 29.81
CA ILE A 477 -6.70 5.71 30.22
C ILE A 477 -6.95 4.27 29.78
N GLY A 478 -6.04 3.70 29.00
CA GLY A 478 -6.08 2.30 28.57
C GLY A 478 -4.87 1.56 29.11
N LYS A 479 -4.63 0.37 28.59
CA LYS A 479 -3.47 -0.49 28.95
C LYS A 479 -2.76 -0.88 27.67
N VAL A 480 -1.50 -0.49 27.54
CA VAL A 480 -0.60 -1.05 26.49
C VAL A 480 0.73 -1.39 27.16
N TRP A 481 1.85 -1.29 26.46
CA TRP A 481 3.12 -1.92 26.88
C TRP A 481 3.61 -1.36 28.21
N PRO A 482 3.61 -0.03 28.43
CA PRO A 482 4.10 0.52 29.68
C PRO A 482 3.15 0.32 30.88
N GLY A 483 1.95 -0.17 30.62
CA GLY A 483 0.85 -0.25 31.60
C GLY A 483 -0.22 0.77 31.28
N SER A 484 -0.69 1.53 32.27
CA SER A 484 -1.72 2.57 32.07
C SER A 484 -1.17 3.63 31.11
N THR A 485 -1.95 4.00 30.11
CA THR A 485 -1.55 4.96 29.06
C THR A 485 -2.71 5.87 28.70
N ALA A 486 -2.39 7.12 28.39
CA ALA A 486 -3.27 8.06 27.68
C ALA A 486 -2.95 7.96 26.18
N PHE A 487 -3.86 8.39 25.31
CA PHE A 487 -3.70 8.31 23.84
C PHE A 487 -3.71 9.71 23.24
N PRO A 488 -2.65 10.13 22.52
CA PRO A 488 -2.63 11.45 21.90
C PRO A 488 -3.75 11.60 20.87
N ASP A 489 -4.26 12.80 20.76
CA ASP A 489 -5.28 13.19 19.76
C ASP A 489 -4.56 13.92 18.63
N PHE A 490 -4.21 13.20 17.56
CA PHE A 490 -3.41 13.80 16.46
C PHE A 490 -4.33 14.65 15.56
N THR A 491 -5.59 14.91 15.94
CA THR A 491 -6.44 15.92 15.24
C THR A 491 -6.31 17.27 15.94
N ASN A 492 -5.68 17.31 17.11
CA ASN A 492 -5.49 18.53 17.92
C ASN A 492 -4.19 19.19 17.46
N PRO A 493 -4.22 20.46 16.98
CA PRO A 493 -3.02 21.17 16.54
C PRO A 493 -1.94 21.23 17.63
N THR A 494 -2.36 21.32 18.89
CA THR A 494 -1.45 21.41 20.07
C THR A 494 -0.75 20.07 20.25
N ALA A 495 -1.43 18.95 19.99
CA ALA A 495 -0.84 17.59 20.00
C ALA A 495 0.21 17.45 18.89
N LEU A 496 0.02 18.06 17.72
CA LEU A 496 1.02 17.99 16.64
C LEU A 496 2.28 18.73 17.08
N ALA A 497 2.14 19.89 17.71
CA ALA A 497 3.26 20.71 18.23
C ALA A 497 3.98 19.93 19.35
N TRP A 498 3.23 19.24 20.20
CA TRP A 498 3.79 18.44 21.31
C TRP A 498 4.54 17.23 20.74
N TRP A 499 4.00 16.58 19.71
CA TRP A 499 4.65 15.42 19.07
C TRP A 499 5.97 15.86 18.45
N GLU A 500 5.98 16.99 17.76
CA GLU A 500 7.18 17.57 17.11
C GLU A 500 8.26 17.85 18.16
N ASP A 501 7.88 18.37 19.33
CA ASP A 501 8.82 18.66 20.45
C ASP A 501 9.43 17.36 21.02
N MET A 502 8.62 16.34 21.26
CA MET A 502 9.05 15.07 21.90
C MET A 502 10.01 14.34 20.94
N VAL A 503 9.68 14.29 19.66
CA VAL A 503 10.52 13.70 18.58
C VAL A 503 11.84 14.48 18.46
N ALA A 504 11.80 15.81 18.40
CA ALA A 504 13.00 16.67 18.25
C ALA A 504 13.91 16.51 19.48
N GLU A 505 13.35 16.55 20.68
CA GLU A 505 14.13 16.44 21.94
C GLU A 505 14.79 15.05 22.02
N PHE A 506 14.05 13.99 21.66
CA PHE A 506 14.61 12.61 21.72
C PHE A 506 15.70 12.51 20.65
N HIS A 507 15.51 13.19 19.52
CA HIS A 507 16.44 13.16 18.37
C HIS A 507 17.75 13.88 18.72
N ASP A 508 17.72 14.85 19.66
CA ASP A 508 18.92 15.52 20.24
C ASP A 508 19.74 14.54 21.07
N GLN A 509 19.11 13.53 21.67
CA GLN A 509 19.80 12.49 22.47
C GLN A 509 20.30 11.35 21.56
N VAL A 510 19.44 10.85 20.66
CA VAL A 510 19.70 9.70 19.74
C VAL A 510 19.29 10.09 18.32
N PRO A 511 20.25 10.19 17.38
CA PRO A 511 19.95 10.68 16.03
C PRO A 511 19.33 9.60 15.11
N PHE A 512 18.15 9.11 15.49
CA PHE A 512 17.37 8.13 14.69
C PHE A 512 17.00 8.76 13.35
N ASP A 513 16.85 7.94 12.32
CA ASP A 513 16.72 8.39 10.91
C ASP A 513 15.28 8.25 10.42
N GLY A 514 14.41 7.73 11.26
CA GLY A 514 13.00 7.53 10.90
C GLY A 514 12.22 6.99 12.06
N MET A 515 10.93 6.79 11.85
CA MET A 515 10.01 6.29 12.90
C MET A 515 9.21 5.09 12.40
N TRP A 516 9.22 4.04 13.18
CA TRP A 516 8.34 2.86 13.00
C TRP A 516 7.15 3.02 13.96
N ILE A 517 5.99 3.39 13.43
CA ILE A 517 4.82 3.68 14.29
C ILE A 517 3.89 2.48 14.30
N ASP A 518 3.84 1.80 15.44
CA ASP A 518 3.08 0.55 15.68
C ASP A 518 1.85 0.90 16.54
N MET A 519 0.86 0.01 16.59
CA MET A 519 -0.26 0.01 17.56
C MET A 519 -1.15 1.25 17.38
N ASN A 520 -1.21 1.82 16.16
CA ASN A 520 -1.86 3.13 15.90
C ASN A 520 -3.26 2.89 15.28
N GLU A 521 -3.95 1.86 15.74
CA GLU A 521 -5.35 1.57 15.31
C GLU A 521 -6.33 2.57 15.93
N PRO A 522 -6.26 2.99 17.21
CA PRO A 522 -5.23 2.63 18.17
C PRO A 522 -5.55 1.32 18.91
N SER A 523 -4.51 0.55 19.24
CA SER A 523 -4.59 -0.77 19.91
C SER A 523 -4.62 -0.58 21.44
N ASN A 524 -5.55 -1.27 22.09
CA ASN A 524 -5.76 -1.26 23.56
C ASN A 524 -5.76 -2.72 24.04
N PHE A 525 -5.06 -3.05 25.13
CA PHE A 525 -5.00 -4.45 25.63
C PHE A 525 -6.28 -4.79 26.37
N ILE A 526 -7.05 -3.78 26.71
CA ILE A 526 -8.36 -3.94 27.40
C ILE A 526 -9.43 -3.31 26.51
N ARG A 527 -10.68 -3.51 26.87
CA ARG A 527 -11.86 -3.03 26.10
CA ARG A 527 -11.86 -3.03 26.10
C ARG A 527 -12.20 -1.59 26.52
N GLY A 528 -12.03 -0.63 25.62
CA GLY A 528 -12.46 0.77 25.81
C GLY A 528 -11.49 1.57 26.67
N SER A 529 -11.57 1.42 27.98
CA SER A 529 -10.70 2.14 28.95
C SER A 529 -10.66 1.35 30.24
N GLU A 530 -9.77 1.73 31.15
CA GLU A 530 -9.65 1.15 32.51
C GLU A 530 -11.00 1.22 33.22
N ASP A 531 -11.86 2.16 32.83
CA ASP A 531 -13.14 2.49 33.53
C ASP A 531 -14.32 2.01 32.68
N GLY A 532 -14.08 1.11 31.73
CA GLY A 532 -15.06 0.70 30.71
C GLY A 532 -15.53 1.89 29.87
N CYS A 533 -16.73 1.80 29.34
CA CYS A 533 -17.32 2.80 28.41
C CYS A 533 -18.75 3.10 28.83
N PRO A 534 -19.22 4.35 28.68
CA PRO A 534 -20.61 4.66 28.98
C PRO A 534 -21.59 3.90 28.07
N ASN A 535 -22.85 3.90 28.46
CA ASN A 535 -23.96 3.30 27.69
C ASN A 535 -24.63 4.40 26.89
N ASN A 536 -24.21 4.61 25.64
CA ASN A 536 -24.83 5.59 24.72
C ASN A 536 -24.83 5.01 23.31
N GLU A 537 -25.38 5.76 22.36
CA GLU A 537 -25.66 5.31 20.98
C GLU A 537 -24.36 5.16 20.19
N LEU A 538 -23.28 5.83 20.59
CA LEU A 538 -21.97 5.71 19.90
C LEU A 538 -21.29 4.39 20.32
N GLU A 539 -21.42 4.00 21.59
CA GLU A 539 -20.81 2.75 22.11
C GLU A 539 -21.66 1.56 21.67
N ASN A 540 -22.99 1.73 21.60
CA ASN A 540 -23.96 0.69 21.20
C ASN A 540 -24.81 1.22 20.05
N PRO A 541 -24.24 1.28 18.83
CA PRO A 541 -24.94 1.83 17.67
C PRO A 541 -25.99 0.85 17.15
N PRO A 542 -27.03 1.34 16.44
CA PRO A 542 -28.09 0.47 15.97
C PRO A 542 -27.62 -0.55 14.91
N TYR A 543 -26.55 -0.22 14.19
CA TYR A 543 -25.91 -1.14 13.23
C TYR A 543 -24.44 -1.31 13.57
N VAL A 544 -24.07 -2.53 13.95
CA VAL A 544 -22.64 -2.90 14.20
C VAL A 544 -22.17 -3.70 13.00
N PRO A 545 -21.20 -3.18 12.23
CA PRO A 545 -20.59 -3.92 11.13
C PRO A 545 -19.93 -5.20 11.68
N GLY A 546 -19.54 -6.12 10.80
CA GLY A 546 -19.02 -7.44 11.18
C GLY A 546 -17.56 -7.38 11.63
N VAL A 547 -17.28 -6.55 12.64
CA VAL A 547 -15.94 -6.41 13.25
C VAL A 547 -15.66 -7.65 14.13
N VAL A 548 -14.42 -8.09 14.19
CA VAL A 548 -13.98 -9.12 15.17
C VAL A 548 -14.30 -8.58 16.58
N GLY A 549 -14.92 -9.40 17.41
CA GLY A 549 -15.31 -9.07 18.79
C GLY A 549 -16.73 -8.57 18.90
N GLY A 550 -17.39 -8.27 17.77
CA GLY A 550 -18.82 -7.90 17.73
C GLY A 550 -19.11 -6.54 18.36
N THR A 551 -18.08 -5.74 18.67
CA THR A 551 -18.20 -4.38 19.26
C THR A 551 -17.12 -3.46 18.68
N LEU A 552 -17.41 -2.18 18.54
CA LEU A 552 -16.44 -1.16 18.08
C LEU A 552 -15.33 -0.93 19.13
N GLN A 553 -15.57 -1.27 20.40
CA GLN A 553 -14.60 -1.06 21.53
C GLN A 553 -13.54 -2.16 21.59
N ALA A 554 -13.78 -3.31 20.98
CA ALA A 554 -12.87 -4.48 21.09
C ALA A 554 -11.47 -4.08 20.63
N ALA A 555 -10.48 -4.23 21.54
CA ALA A 555 -9.04 -4.05 21.30
C ALA A 555 -8.73 -2.58 20.99
N THR A 556 -9.61 -1.67 21.38
CA THR A 556 -9.36 -0.22 21.14
C THR A 556 -9.99 0.59 22.26
N ILE A 557 -10.19 1.88 22.03
CA ILE A 557 -10.69 2.85 23.03
C ILE A 557 -12.18 3.12 22.76
N CYS A 558 -12.86 3.75 23.71
CA CYS A 558 -14.30 4.05 23.69
C CYS A 558 -14.63 4.87 22.43
N ALA A 559 -15.72 4.53 21.75
CA ALA A 559 -16.21 5.23 20.55
C ALA A 559 -16.67 6.66 20.88
N SER A 560 -17.11 6.93 22.11
CA SER A 560 -17.69 8.24 22.49
C SER A 560 -16.63 9.15 23.12
N SER A 561 -15.37 8.71 23.11
CA SER A 561 -14.24 9.52 23.61
C SER A 561 -14.06 10.72 22.70
N HIS A 562 -13.50 11.81 23.22
CA HIS A 562 -13.51 13.13 22.54
C HIS A 562 -12.14 13.39 21.92
N GLN A 563 -12.15 13.83 20.67
CA GLN A 563 -10.99 14.38 19.92
C GLN A 563 -11.32 15.81 19.51
N PHE A 564 -10.31 16.57 19.12
CA PHE A 564 -10.45 17.98 18.79
C PHE A 564 -11.49 18.14 17.66
N LEU A 565 -11.47 17.28 16.64
CA LEU A 565 -12.31 17.50 15.43
C LEU A 565 -13.67 16.83 15.59
N SER A 566 -13.78 15.77 16.39
CA SER A 566 -15.04 14.97 16.48
C SER A 566 -14.85 13.89 17.56
N THR A 567 -15.83 13.02 17.70
CA THR A 567 -15.74 11.79 18.53
C THR A 567 -14.85 10.77 17.82
N HIS A 568 -14.31 9.82 18.59
CA HIS A 568 -13.51 8.67 18.10
C HIS A 568 -14.38 7.80 17.19
N TYR A 569 -15.69 7.78 17.43
CA TYR A 569 -16.65 7.05 16.59
C TYR A 569 -16.43 7.43 15.11
N ASN A 570 -16.27 8.71 14.83
CA ASN A 570 -16.08 9.21 13.44
C ASN A 570 -14.61 9.12 12.99
N LEU A 571 -13.64 9.25 13.91
CA LEU A 571 -12.20 9.49 13.57
C LEU A 571 -11.36 8.22 13.70
N HIS A 572 -11.86 7.16 14.33
CA HIS A 572 -11.11 5.93 14.63
C HIS A 572 -10.28 5.51 13.41
N ASN A 573 -10.90 5.37 12.25
CA ASN A 573 -10.22 4.85 11.02
C ASN A 573 -9.13 5.81 10.53
N LEU A 574 -9.07 7.06 11.02
CA LEU A 574 -7.99 8.03 10.67
C LEU A 574 -6.86 8.03 11.69
N TYR A 575 -7.00 7.36 12.82
CA TYR A 575 -6.08 7.58 13.95
C TYR A 575 -4.64 7.40 13.46
N GLY A 576 -4.37 6.28 12.79
CA GLY A 576 -3.02 5.95 12.28
C GLY A 576 -2.55 6.95 11.24
N LEU A 577 -3.43 7.31 10.32
CA LEU A 577 -3.13 8.35 9.31
C LEU A 577 -2.72 9.66 9.99
N THR A 578 -3.47 10.10 11.00
CA THR A 578 -3.18 11.39 11.69
C THR A 578 -1.82 11.30 12.41
N GLU A 579 -1.45 10.13 12.95
CA GLU A 579 -0.13 9.96 13.59
C GLU A 579 0.97 9.98 12.51
N ALA A 580 0.70 9.41 11.33
CA ALA A 580 1.67 9.35 10.22
C ALA A 580 1.95 10.77 9.72
N ILE A 581 0.91 11.58 9.59
CA ILE A 581 1.04 13.03 9.23
C ILE A 581 1.86 13.73 10.32
N ALA A 582 1.47 13.57 11.59
CA ALA A 582 2.18 14.18 12.74
C ALA A 582 3.66 13.76 12.73
N SER A 583 3.95 12.49 12.51
CA SER A 583 5.32 11.91 12.58
C SER A 583 6.13 12.39 11.38
N HIS A 584 5.48 12.49 10.22
CA HIS A 584 6.09 12.98 8.97
C HIS A 584 6.59 14.42 9.19
N ARG A 585 5.74 15.29 9.74
CA ARG A 585 6.08 16.72 10.05
C ARG A 585 7.16 16.77 11.12
N ALA A 586 7.09 15.92 12.15
CA ALA A 586 8.09 15.90 13.26
C ALA A 586 9.49 15.62 12.71
N LEU A 587 9.59 14.72 11.74
CA LEU A 587 10.89 14.23 11.23
C LEU A 587 11.48 15.26 10.28
N VAL A 588 10.64 15.98 9.54
CA VAL A 588 11.09 17.06 8.62
C VAL A 588 11.72 18.16 9.48
N LYS A 589 11.03 18.55 10.55
CA LYS A 589 11.49 19.65 11.46
C LYS A 589 12.74 19.19 12.21
N ALA A 590 12.85 17.92 12.55
CA ALA A 590 13.96 17.41 13.39
C ALA A 590 15.21 17.19 12.53
N ARG A 591 15.05 16.58 11.35
CA ARG A 591 16.19 16.08 10.53
C ARG A 591 16.46 17.02 9.35
N GLY A 592 15.46 17.72 8.84
CA GLY A 592 15.62 18.64 7.69
C GLY A 592 15.78 17.91 6.37
N THR A 593 15.56 16.58 6.34
CA THR A 593 15.61 15.74 5.12
C THR A 593 14.33 14.90 5.03
N ARG A 594 14.15 14.19 3.92
CA ARG A 594 12.96 13.33 3.67
C ARG A 594 12.70 12.45 4.87
N PRO A 595 11.45 12.43 5.40
CA PRO A 595 11.13 11.53 6.49
C PRO A 595 10.91 10.11 5.99
N PHE A 596 11.13 9.14 6.87
CA PHE A 596 10.89 7.69 6.65
C PHE A 596 10.02 7.19 7.80
N VAL A 597 8.74 7.04 7.51
CA VAL A 597 7.71 6.60 8.47
C VAL A 597 7.08 5.32 7.93
N ILE A 598 7.11 4.27 8.74
CA ILE A 598 6.42 2.98 8.48
C ILE A 598 5.35 2.81 9.54
N SER A 599 4.12 2.68 9.09
CA SER A 599 2.93 2.68 9.96
C SER A 599 2.18 1.36 9.82
N ARG A 600 1.59 0.85 10.90
CA ARG A 600 0.73 -0.34 10.81
C ARG A 600 -0.68 0.06 10.32
N SER A 601 -1.35 0.94 11.04
CA SER A 601 -2.74 1.35 10.73
C SER A 601 -2.75 2.47 9.66
N THR A 602 -3.64 2.36 8.69
CA THR A 602 -3.69 3.28 7.53
C THR A 602 -5.13 3.65 7.19
N PHE A 603 -5.25 4.72 6.44
CA PHE A 603 -6.48 5.16 5.77
C PHE A 603 -6.09 5.63 4.37
N ALA A 604 -7.07 5.73 3.49
CA ALA A 604 -6.93 6.29 2.13
C ALA A 604 -6.15 7.60 2.24
N GLY A 605 -5.07 7.71 1.48
CA GLY A 605 -4.20 8.89 1.46
C GLY A 605 -2.97 8.69 2.32
N HIS A 606 -2.82 7.53 2.94
CA HIS A 606 -1.67 7.22 3.84
C HIS A 606 -0.36 7.40 3.08
N GLY A 607 -0.32 6.99 1.80
CA GLY A 607 0.93 6.90 1.00
C GLY A 607 1.56 8.25 0.76
N ARG A 608 0.79 9.32 0.94
CA ARG A 608 1.30 10.69 0.77
C ARG A 608 2.28 11.01 1.90
N TYR A 609 2.23 10.28 3.01
CA TYR A 609 2.99 10.61 4.25
C TYR A 609 3.94 9.47 4.64
N ALA A 610 3.55 8.22 4.45
CA ALA A 610 4.27 7.09 5.08
C ALA A 610 4.10 5.79 4.29
N GLY A 611 4.86 4.79 4.69
CA GLY A 611 4.76 3.42 4.17
C GLY A 611 4.01 2.53 5.14
N HIS A 612 4.02 1.23 4.88
CA HIS A 612 3.18 0.26 5.62
C HIS A 612 3.85 -1.11 5.58
N TRP A 613 3.69 -1.90 6.62
CA TRP A 613 4.02 -3.33 6.60
C TRP A 613 2.77 -4.09 7.05
N THR A 614 2.57 -5.31 6.55
CA THR A 614 1.29 -6.04 6.64
C THR A 614 1.11 -6.66 8.03
N GLY A 615 2.00 -6.39 8.99
CA GLY A 615 1.75 -6.73 10.40
C GLY A 615 2.15 -8.15 10.74
N ASP A 616 1.45 -8.76 11.71
CA ASP A 616 1.91 -9.97 12.44
C ASP A 616 1.52 -11.21 11.65
N VAL A 617 2.14 -11.41 10.49
CA VAL A 617 1.94 -12.57 9.59
C VAL A 617 2.67 -13.78 10.18
N TRP A 618 2.04 -14.95 10.11
CA TRP A 618 2.66 -16.24 10.48
C TRP A 618 3.82 -16.58 9.51
N SER A 619 4.87 -17.19 10.03
CA SER A 619 5.93 -17.83 9.21
C SER A 619 5.35 -19.11 8.63
N SER A 620 4.57 -18.99 7.56
CA SER A 620 3.92 -20.12 6.86
C SER A 620 3.98 -19.90 5.35
N TRP A 621 3.94 -20.97 4.57
CA TRP A 621 3.82 -20.93 3.10
C TRP A 621 2.57 -20.16 2.68
N GLU A 622 1.48 -20.33 3.40
CA GLU A 622 0.19 -19.66 3.09
C GLU A 622 0.37 -18.14 3.19
N GLN A 623 0.95 -17.64 4.28
CA GLN A 623 1.13 -16.19 4.48
C GLN A 623 2.17 -15.66 3.49
N LEU A 624 3.13 -16.47 3.08
CA LEU A 624 4.09 -16.07 2.02
C LEU A 624 3.30 -15.78 0.74
N ALA A 625 2.50 -16.74 0.28
CA ALA A 625 1.69 -16.60 -0.96
C ALA A 625 0.76 -15.39 -0.84
N SER A 626 0.16 -15.19 0.33
CA SER A 626 -0.85 -14.14 0.62
C SER A 626 -0.23 -12.74 0.59
N SER A 627 1.07 -12.64 0.84
CA SER A 627 1.78 -11.35 0.90
C SER A 627 1.81 -10.69 -0.49
N VAL A 628 1.83 -11.45 -1.57
CA VAL A 628 1.92 -10.86 -2.94
C VAL A 628 0.65 -10.08 -3.27
N PRO A 629 -0.56 -10.68 -3.15
CA PRO A 629 -1.80 -9.92 -3.33
C PRO A 629 -1.85 -8.67 -2.44
N GLU A 630 -1.43 -8.76 -1.18
CA GLU A 630 -1.55 -7.63 -0.20
C GLU A 630 -0.61 -6.47 -0.65
N ILE A 631 0.62 -6.79 -1.05
CA ILE A 631 1.60 -5.79 -1.55
C ILE A 631 1.04 -5.12 -2.82
N LEU A 632 0.46 -5.91 -3.72
CA LEU A 632 -0.16 -5.38 -4.97
C LEU A 632 -1.33 -4.46 -4.60
N GLN A 633 -2.13 -4.84 -3.62
CA GLN A 633 -3.34 -4.08 -3.22
C GLN A 633 -2.90 -2.70 -2.73
N PHE A 634 -1.88 -2.64 -1.87
CA PHE A 634 -1.43 -1.37 -1.27
C PHE A 634 -0.80 -0.47 -2.33
N ASN A 635 -0.25 -1.04 -3.41
CA ASN A 635 0.26 -0.23 -4.55
C ASN A 635 -0.93 0.42 -5.29
N LEU A 636 -2.03 -0.30 -5.50
CA LEU A 636 -3.24 0.26 -6.15
C LEU A 636 -3.83 1.37 -5.28
N LEU A 637 -3.66 1.30 -3.95
CA LEU A 637 -4.21 2.30 -2.97
C LEU A 637 -3.24 3.47 -2.74
N GLY A 638 -2.14 3.50 -3.49
CA GLY A 638 -1.18 4.62 -3.45
C GLY A 638 -0.27 4.52 -2.25
N VAL A 639 -0.04 3.31 -1.74
CA VAL A 639 0.94 3.05 -0.66
C VAL A 639 2.02 2.12 -1.20
N PRO A 640 2.87 2.59 -2.14
CA PRO A 640 3.82 1.71 -2.81
C PRO A 640 4.94 1.23 -1.89
N LEU A 641 5.28 2.00 -0.86
CA LEU A 641 6.32 1.60 0.13
C LEU A 641 5.65 0.65 1.14
N VAL A 642 5.59 -0.63 0.77
CA VAL A 642 4.87 -1.69 1.52
C VAL A 642 5.64 -2.99 1.39
N GLY A 643 5.58 -3.81 2.42
CA GLY A 643 6.11 -5.18 2.43
C GLY A 643 5.58 -5.93 3.62
N ALA A 644 5.84 -7.24 3.65
CA ALA A 644 5.60 -8.13 4.79
C ALA A 644 6.94 -8.44 5.44
N ASP A 645 6.91 -8.74 6.74
CA ASP A 645 8.07 -9.22 7.52
C ASP A 645 8.69 -10.41 6.76
N VAL A 646 9.87 -10.20 6.16
CA VAL A 646 10.56 -11.24 5.37
C VAL A 646 10.88 -12.44 6.30
N CYS A 647 10.47 -13.64 5.86
CA CYS A 647 10.55 -14.95 6.56
C CYS A 647 9.40 -15.11 7.55
N GLY A 648 8.51 -14.13 7.63
CA GLY A 648 7.36 -14.18 8.52
C GLY A 648 7.70 -13.72 9.91
N PHE A 649 6.68 -13.33 10.66
CA PHE A 649 6.83 -12.68 11.99
C PHE A 649 6.55 -13.67 13.10
N LEU A 650 5.31 -14.18 13.17
CA LEU A 650 4.85 -15.14 14.20
C LEU A 650 5.41 -16.54 13.89
N GLY A 651 5.73 -17.28 14.95
CA GLY A 651 6.17 -18.68 14.87
C GLY A 651 7.62 -18.77 14.42
N ASN A 652 8.03 -19.97 14.06
CA ASN A 652 9.41 -20.29 13.66
C ASN A 652 9.41 -20.55 12.16
N THR A 653 10.17 -19.77 11.43
CA THR A 653 10.41 -19.97 9.99
C THR A 653 11.21 -21.27 9.85
N SER A 654 11.15 -21.89 8.68
CA SER A 654 12.03 -23.01 8.29
C SER A 654 13.12 -22.42 7.39
N GLU A 655 14.21 -23.15 7.16
CA GLU A 655 15.29 -22.69 6.26
C GLU A 655 14.72 -22.51 4.85
N GLU A 656 13.96 -23.47 4.33
CA GLU A 656 13.43 -23.41 2.96
C GLU A 656 12.45 -22.23 2.81
N LEU A 657 11.55 -22.01 3.77
CA LEU A 657 10.56 -20.91 3.70
C LEU A 657 11.32 -19.57 3.67
N CYS A 658 12.33 -19.44 4.51
CA CYS A 658 13.13 -18.20 4.62
C CYS A 658 13.90 -17.95 3.33
N VAL A 659 14.34 -18.98 2.61
CA VAL A 659 15.01 -18.77 1.30
C VAL A 659 13.97 -18.24 0.29
N ARG A 660 12.83 -18.91 0.17
CA ARG A 660 11.75 -18.49 -0.77
C ARG A 660 11.22 -17.10 -0.36
N TRP A 661 11.12 -16.82 0.94
CA TRP A 661 10.56 -15.55 1.44
C TRP A 661 11.56 -14.42 1.12
N THR A 662 12.85 -14.66 1.24
CA THR A 662 13.88 -13.64 0.96
C THR A 662 13.95 -13.41 -0.54
N GLN A 663 13.75 -14.45 -1.33
CA GLN A 663 13.72 -14.33 -2.80
C GLN A 663 12.56 -13.41 -3.22
N LEU A 664 11.35 -13.67 -2.74
CA LEU A 664 10.20 -12.82 -3.13
C LEU A 664 10.34 -11.44 -2.44
N GLY A 665 10.71 -11.45 -1.16
CA GLY A 665 10.86 -10.24 -0.35
C GLY A 665 11.83 -9.23 -0.93
N ALA A 666 12.84 -9.68 -1.68
CA ALA A 666 13.80 -8.78 -2.34
C ALA A 666 13.06 -7.93 -3.38
N PHE A 667 11.82 -8.31 -3.72
CA PHE A 667 10.96 -7.59 -4.70
C PHE A 667 9.79 -6.87 -4.00
N TYR A 668 9.71 -6.93 -2.67
CA TYR A 668 8.86 -5.98 -1.88
C TYR A 668 9.47 -4.58 -2.02
N PRO A 669 8.69 -3.54 -2.36
CA PRO A 669 9.26 -2.19 -2.40
C PRO A 669 9.84 -1.80 -1.02
N PHE A 670 9.22 -2.25 0.07
CA PHE A 670 9.81 -2.12 1.43
C PHE A 670 10.26 -3.49 1.95
N MET A 671 11.57 -3.68 2.09
CA MET A 671 12.16 -5.00 2.43
C MET A 671 12.78 -4.98 3.84
N ARG A 672 12.07 -5.56 4.80
CA ARG A 672 12.51 -5.71 6.20
C ARG A 672 12.27 -7.14 6.66
N ASN A 673 13.29 -7.74 7.25
CA ASN A 673 13.19 -9.01 7.99
C ASN A 673 13.02 -8.64 9.45
N HIS A 674 11.85 -8.97 9.97
CA HIS A 674 11.44 -8.67 11.36
C HIS A 674 10.90 -9.96 11.97
N ASN A 675 11.10 -10.14 13.26
CA ASN A 675 10.92 -11.43 13.95
C ASN A 675 10.31 -11.17 15.31
N SER A 676 9.42 -12.04 15.75
CA SER A 676 8.73 -11.92 17.04
C SER A 676 9.69 -12.25 18.17
N LEU A 677 9.35 -11.79 19.37
CA LEU A 677 10.09 -12.01 20.62
C LEU A 677 10.23 -13.51 20.88
N LEU A 678 9.25 -14.32 20.48
CA LEU A 678 9.12 -15.74 20.90
C LEU A 678 9.73 -16.67 19.85
N SER A 679 10.32 -16.14 18.78
CA SER A 679 10.73 -16.91 17.58
C SER A 679 12.23 -17.24 17.62
N LEU A 680 12.63 -18.29 16.91
CA LEU A 680 14.03 -18.62 16.59
C LEU A 680 14.61 -17.55 15.66
N PRO A 681 15.92 -17.29 15.72
CA PRO A 681 16.57 -16.33 14.84
C PRO A 681 16.28 -16.63 13.37
N GLN A 682 16.21 -15.59 12.53
CA GLN A 682 16.02 -15.73 11.06
C GLN A 682 16.81 -14.64 10.32
N GLU A 683 17.89 -14.13 10.91
CA GLU A 683 18.82 -13.24 10.19
C GLU A 683 19.46 -14.08 9.08
N PRO A 684 19.71 -13.50 7.88
CA PRO A 684 20.33 -14.27 6.80
C PRO A 684 21.58 -15.08 7.21
N TYR A 685 22.39 -14.58 8.16
CA TYR A 685 23.67 -15.21 8.58
C TYR A 685 23.42 -16.40 9.52
N SER A 686 22.20 -16.60 10.01
CA SER A 686 21.89 -17.66 11.01
C SER A 686 21.55 -18.98 10.32
N PHE A 687 21.60 -19.04 8.98
CA PHE A 687 21.24 -20.24 8.18
C PHE A 687 22.50 -20.95 7.63
N SER A 688 22.29 -22.12 7.07
CA SER A 688 23.32 -22.97 6.41
C SER A 688 23.95 -22.20 5.25
N GLU A 689 25.10 -22.68 4.78
CA GLU A 689 25.92 -22.02 3.73
C GLU A 689 25.13 -21.94 2.43
N PRO A 690 24.52 -23.05 1.94
CA PRO A 690 23.78 -23.00 0.68
C PRO A 690 22.60 -22.02 0.76
N ALA A 691 21.92 -21.94 1.92
CA ALA A 691 20.78 -21.04 2.14
C ALA A 691 21.27 -19.57 2.10
N GLN A 692 22.38 -19.28 2.77
CA GLN A 692 23.03 -17.94 2.77
C GLN A 692 23.39 -17.50 1.35
N GLN A 693 23.86 -18.41 0.50
CA GLN A 693 24.21 -18.08 -0.90
C GLN A 693 22.96 -17.60 -1.62
N ALA A 694 21.86 -18.34 -1.52
CA ALA A 694 20.58 -18.01 -2.17
C ALA A 694 20.09 -16.64 -1.67
N MET A 695 20.17 -16.41 -0.36
CA MET A 695 19.73 -15.14 0.28
C MET A 695 20.64 -13.99 -0.18
N ARG A 696 21.96 -14.24 -0.22
CA ARG A 696 22.97 -13.23 -0.66
C ARG A 696 22.71 -12.83 -2.12
N LYS A 697 22.35 -13.78 -2.97
CA LYS A 697 22.04 -13.49 -4.40
C LYS A 697 20.84 -12.56 -4.47
N ALA A 698 19.78 -12.84 -3.70
CA ALA A 698 18.51 -12.07 -3.76
C ALA A 698 18.77 -10.63 -3.35
N LEU A 699 19.52 -10.44 -2.27
CA LEU A 699 19.89 -9.09 -1.76
C LEU A 699 20.80 -8.38 -2.76
N THR A 700 21.69 -9.12 -3.41
CA THR A 700 22.63 -8.57 -4.42
C THR A 700 21.83 -8.08 -5.64
N LEU A 701 20.87 -8.86 -6.11
CA LEU A 701 20.02 -8.45 -7.26
C LEU A 701 19.24 -7.18 -6.90
N ARG A 702 18.72 -7.09 -5.68
CA ARG A 702 17.89 -5.94 -5.24
C ARG A 702 18.76 -4.69 -5.26
N TYR A 703 19.96 -4.77 -4.71
CA TYR A 703 20.89 -3.62 -4.60
C TYR A 703 21.30 -3.17 -6.00
N ALA A 704 21.55 -4.12 -6.90
CA ALA A 704 21.88 -3.82 -8.31
C ALA A 704 20.73 -3.04 -8.95
N LEU A 705 19.49 -3.36 -8.60
CA LEU A 705 18.27 -2.80 -9.23
C LEU A 705 17.80 -1.52 -8.52
N LEU A 706 18.47 -1.07 -7.46
CA LEU A 706 17.99 0.08 -6.65
C LEU A 706 17.84 1.33 -7.51
N PRO A 707 18.73 1.63 -8.47
CA PRO A 707 18.54 2.82 -9.31
C PRO A 707 17.22 2.78 -10.11
N HIS A 708 16.84 1.58 -10.54
CA HIS A 708 15.56 1.31 -11.25
C HIS A 708 14.40 1.43 -10.26
N LEU A 709 14.48 0.76 -9.12
CA LEU A 709 13.44 0.85 -8.06
C LEU A 709 13.22 2.32 -7.66
N TYR A 710 14.30 3.08 -7.49
CA TYR A 710 14.23 4.51 -7.07
C TYR A 710 13.51 5.32 -8.14
N THR A 711 13.80 5.02 -9.41
CA THR A 711 13.18 5.70 -10.57
C THR A 711 11.67 5.36 -10.60
N LEU A 712 11.29 4.12 -10.27
CA LEU A 712 9.86 3.70 -10.18
C LEU A 712 9.15 4.51 -9.08
N PHE A 713 9.82 4.77 -7.95
CA PHE A 713 9.25 5.59 -6.84
C PHE A 713 9.11 7.05 -7.31
N HIS A 714 10.03 7.52 -8.14
CA HIS A 714 9.99 8.90 -8.68
C HIS A 714 8.72 9.03 -9.51
N GLN A 715 8.41 8.03 -10.33
CA GLN A 715 7.20 8.01 -11.21
C GLN A 715 5.94 7.95 -10.36
N ALA A 716 5.94 7.17 -9.27
CA ALA A 716 4.82 7.10 -8.32
C ALA A 716 4.60 8.48 -7.72
N HIS A 717 5.69 9.12 -7.30
CA HIS A 717 5.64 10.42 -6.60
C HIS A 717 5.17 11.53 -7.55
N VAL A 718 5.52 11.49 -8.83
CA VAL A 718 5.28 12.65 -9.73
C VAL A 718 4.06 12.40 -10.62
N ALA A 719 3.64 11.16 -10.82
CA ALA A 719 2.60 10.81 -11.81
C ALA A 719 1.55 9.84 -11.26
N GLY A 720 1.61 9.46 -9.97
CA GLY A 720 0.60 8.59 -9.35
C GLY A 720 0.68 7.15 -9.87
N GLU A 721 1.84 6.73 -10.32
CA GLU A 721 2.11 5.36 -10.84
C GLU A 721 2.24 4.39 -9.66
N THR A 722 2.09 3.09 -9.92
CA THR A 722 2.36 1.99 -8.95
C THR A 722 3.82 1.56 -9.12
N VAL A 723 4.45 1.05 -8.05
CA VAL A 723 5.84 0.53 -8.12
C VAL A 723 5.76 -0.96 -8.42
N ALA A 724 5.14 -1.74 -7.53
CA ALA A 724 4.80 -3.17 -7.73
C ALA A 724 3.35 -3.23 -8.21
N ARG A 725 3.09 -3.78 -9.40
CA ARG A 725 1.74 -3.76 -9.99
C ARG A 725 1.38 -5.15 -10.49
N PRO A 726 0.08 -5.48 -10.45
CA PRO A 726 -0.40 -6.75 -10.96
C PRO A 726 -0.30 -6.76 -12.49
N LEU A 727 -0.24 -7.94 -13.08
CA LEU A 727 -0.20 -8.08 -14.56
C LEU A 727 -1.37 -7.31 -15.19
N PHE A 728 -2.57 -7.37 -14.63
CA PHE A 728 -3.80 -6.80 -15.26
C PHE A 728 -3.66 -5.28 -15.40
N LEU A 729 -2.85 -4.62 -14.56
CA LEU A 729 -2.63 -3.15 -14.66
C LEU A 729 -1.81 -2.84 -15.90
N GLU A 730 -0.92 -3.75 -16.28
CA GLU A 730 -0.02 -3.53 -17.43
C GLU A 730 -0.61 -4.15 -18.70
N PHE A 731 -1.45 -5.17 -18.57
CA PHE A 731 -2.08 -5.89 -19.72
C PHE A 731 -3.58 -6.07 -19.46
N PRO A 732 -4.35 -4.98 -19.31
CA PRO A 732 -5.77 -5.11 -18.98
C PRO A 732 -6.58 -5.81 -20.07
N LYS A 733 -6.13 -5.75 -21.32
CA LYS A 733 -6.89 -6.30 -22.49
C LYS A 733 -6.71 -7.82 -22.57
N ASP A 734 -5.83 -8.41 -21.77
CA ASP A 734 -5.66 -9.88 -21.72
C ASP A 734 -6.34 -10.40 -20.44
N SER A 735 -7.54 -10.94 -20.58
CA SER A 735 -8.45 -11.29 -19.48
C SER A 735 -7.84 -12.42 -18.65
N SER A 736 -6.84 -13.12 -19.18
CA SER A 736 -6.11 -14.19 -18.42
C SER A 736 -5.28 -13.56 -17.29
N THR A 737 -4.93 -12.29 -17.39
CA THR A 737 -4.11 -11.61 -16.33
C THR A 737 -5.00 -11.26 -15.13
N TRP A 738 -6.32 -11.20 -15.31
CA TRP A 738 -7.27 -10.59 -14.35
C TRP A 738 -7.16 -11.23 -12.95
N THR A 739 -7.07 -12.54 -12.86
CA THR A 739 -7.03 -13.29 -11.58
C THR A 739 -5.60 -13.65 -11.19
N VAL A 740 -4.59 -13.20 -11.93
CA VAL A 740 -3.17 -13.49 -11.57
C VAL A 740 -2.75 -12.57 -10.42
N ASP A 741 -2.45 -13.14 -9.25
CA ASP A 741 -2.00 -12.35 -8.07
C ASP A 741 -0.86 -13.05 -7.31
N HIS A 742 -0.23 -14.08 -7.89
CA HIS A 742 0.95 -14.76 -7.30
C HIS A 742 2.20 -14.46 -8.14
N GLN A 743 2.06 -13.54 -9.09
CA GLN A 743 3.17 -12.90 -9.84
C GLN A 743 3.05 -11.39 -9.65
N LEU A 744 4.15 -10.67 -9.79
CA LEU A 744 4.10 -9.19 -9.78
C LEU A 744 5.07 -8.64 -10.83
N LEU A 745 4.80 -7.42 -11.26
CA LEU A 745 5.69 -6.59 -12.07
C LEU A 745 6.28 -5.51 -11.16
N TRP A 746 7.55 -5.19 -11.37
CA TRP A 746 8.15 -3.88 -11.03
C TRP A 746 8.03 -3.00 -12.27
N GLY A 747 7.28 -1.90 -12.17
CA GLY A 747 7.02 -1.01 -13.31
C GLY A 747 6.41 -1.79 -14.46
N GLU A 748 6.77 -1.47 -15.70
CA GLU A 748 6.17 -2.07 -16.90
C GLU A 748 6.93 -3.36 -17.28
N ALA A 749 8.19 -3.52 -16.86
CA ALA A 749 9.25 -4.27 -17.57
C ALA A 749 9.67 -5.56 -16.84
N LEU A 750 9.69 -5.58 -15.51
CA LEU A 750 10.30 -6.69 -14.71
C LEU A 750 9.18 -7.57 -14.13
N LEU A 751 9.18 -8.85 -14.50
CA LEU A 751 8.13 -9.83 -14.17
C LEU A 751 8.73 -10.84 -13.20
N ILE A 752 8.19 -10.93 -11.98
CA ILE A 752 8.74 -11.80 -10.91
C ILE A 752 7.76 -12.96 -10.68
N THR A 753 8.25 -14.19 -10.82
CA THR A 753 7.45 -15.42 -10.73
C THR A 753 8.00 -16.29 -9.61
N PRO A 754 7.62 -16.00 -8.34
CA PRO A 754 8.21 -16.68 -7.20
C PRO A 754 7.62 -18.08 -7.00
N VAL A 755 8.42 -18.96 -6.41
CA VAL A 755 7.95 -20.22 -5.79
C VAL A 755 7.37 -19.88 -4.41
N LEU A 756 6.14 -20.32 -4.14
CA LEU A 756 5.38 -19.96 -2.93
C LEU A 756 4.91 -21.23 -2.22
N GLN A 757 5.58 -22.37 -2.49
CA GLN A 757 5.22 -23.68 -1.87
C GLN A 757 6.49 -24.46 -1.51
N ALA A 758 6.43 -25.24 -0.43
CA ALA A 758 7.50 -26.15 0.01
C ALA A 758 7.68 -27.24 -1.05
N GLY A 759 8.92 -27.68 -1.28
CA GLY A 759 9.26 -28.90 -2.02
C GLY A 759 9.22 -28.71 -3.51
N LYS A 760 9.10 -27.47 -3.99
CA LYS A 760 8.93 -27.17 -5.43
C LYS A 760 10.29 -26.81 -6.03
N ALA A 761 10.57 -27.31 -7.23
CA ALA A 761 11.79 -27.01 -8.02
C ALA A 761 11.39 -26.49 -9.41
N GLU A 762 10.13 -26.11 -9.57
CA GLU A 762 9.59 -25.47 -10.78
C GLU A 762 8.38 -24.62 -10.38
N VAL A 763 8.05 -23.62 -11.20
CA VAL A 763 6.87 -22.75 -10.99
C VAL A 763 6.21 -22.50 -12.34
N THR A 764 4.88 -22.49 -12.36
CA THR A 764 4.06 -22.18 -13.54
C THR A 764 3.54 -20.74 -13.40
N GLY A 765 3.92 -19.88 -14.34
CA GLY A 765 3.54 -18.46 -14.32
C GLY A 765 2.96 -18.05 -15.66
N TYR A 766 2.20 -16.97 -15.68
CA TYR A 766 1.58 -16.43 -16.90
C TYR A 766 2.53 -15.42 -17.53
N PHE A 767 2.74 -15.53 -18.85
CA PHE A 767 3.58 -14.62 -19.65
C PHE A 767 2.70 -13.95 -20.69
N PRO A 768 2.39 -12.66 -20.49
CA PRO A 768 1.66 -11.89 -21.47
C PRO A 768 2.35 -11.97 -22.84
N LEU A 769 1.60 -11.70 -23.91
CA LEU A 769 2.10 -11.68 -25.30
C LEU A 769 3.38 -10.82 -25.34
N GLY A 770 4.45 -11.38 -25.91
CA GLY A 770 5.74 -10.68 -26.11
C GLY A 770 6.92 -11.56 -25.77
N THR A 771 8.13 -11.03 -25.91
CA THR A 771 9.39 -11.69 -25.50
C THR A 771 9.77 -11.26 -24.07
N TRP A 772 10.18 -12.23 -23.25
CA TRP A 772 10.62 -12.05 -21.86
C TRP A 772 12.01 -12.67 -21.71
N TYR A 773 13.01 -11.83 -21.46
CA TYR A 773 14.41 -12.29 -21.28
C TYR A 773 14.60 -12.73 -19.83
N ASP A 774 15.17 -13.91 -19.64
CA ASP A 774 15.65 -14.39 -18.33
C ASP A 774 16.74 -13.43 -17.83
N LEU A 775 16.55 -12.84 -16.65
CA LEU A 775 17.48 -11.84 -16.05
C LEU A 775 18.80 -12.52 -15.67
N GLN A 776 18.84 -13.85 -15.53
CA GLN A 776 20.07 -14.64 -15.24
C GLN A 776 21.13 -14.45 -16.34
N THR A 777 20.73 -14.05 -17.55
CA THR A 777 21.66 -13.80 -18.69
C THR A 777 22.33 -12.43 -18.56
N VAL A 778 21.87 -11.57 -17.64
CA VAL A 778 22.54 -10.26 -17.37
C VAL A 778 23.58 -10.47 -16.27
N PRO A 779 24.86 -10.05 -16.48
CA PRO A 779 25.91 -10.30 -15.49
C PRO A 779 25.73 -9.40 -14.26
N ILE A 780 25.78 -9.97 -13.06
CA ILE A 780 25.62 -9.24 -11.77
C ILE A 780 26.81 -9.61 -10.87
N GLU A 781 27.54 -8.61 -10.37
CA GLU A 781 28.69 -8.77 -9.44
C GLU A 781 28.18 -8.73 -8.00
N ALA A 782 28.64 -9.65 -7.15
CA ALA A 782 28.39 -9.70 -5.69
C ALA A 782 29.72 -9.64 -4.93
N LEU A 783 29.72 -9.12 -3.69
CA LEU A 783 30.93 -9.01 -2.83
C LEU A 783 31.28 -10.37 -2.21
N GLY A 784 30.27 -11.14 -1.79
CA GLY A 784 30.42 -12.48 -1.18
C GLY A 784 30.26 -13.58 -2.22
N SER A 785 30.12 -14.84 -1.78
CA SER A 785 29.96 -16.03 -2.65
C SER A 785 28.48 -16.25 -3.05
N LEU A 786 28.22 -16.46 -4.34
CA LEU A 786 26.86 -16.65 -4.89
C LEU A 786 26.64 -18.13 -5.19
N PRO A 787 25.39 -18.57 -5.50
CA PRO A 787 25.13 -19.96 -5.87
C PRO A 787 25.84 -20.36 -7.17
N PRO A 788 26.16 -21.66 -7.37
CA PRO A 788 26.76 -22.11 -8.62
C PRO A 788 25.78 -22.05 -9.81
N PRO A 789 26.26 -21.92 -11.07
CA PRO A 789 25.38 -21.93 -12.23
C PRO A 789 24.58 -23.22 -12.37
N PRO A 790 23.29 -23.17 -12.77
CA PRO A 790 22.40 -24.34 -12.69
C PRO A 790 22.95 -25.62 -13.37
N ARG A 794 18.52 -23.31 -18.57
CA ARG A 794 17.21 -22.60 -18.69
C ARG A 794 17.18 -21.82 -20.01
N GLU A 795 15.98 -21.54 -20.54
CA GLU A 795 15.75 -20.79 -21.80
C GLU A 795 16.14 -19.32 -21.62
N PRO A 796 16.99 -18.75 -22.51
CA PRO A 796 17.43 -17.36 -22.37
C PRO A 796 16.31 -16.32 -22.60
N ALA A 797 15.31 -16.68 -23.42
CA ALA A 797 14.18 -15.80 -23.80
C ALA A 797 12.91 -16.63 -23.95
N ILE A 798 11.82 -16.17 -23.35
CA ILE A 798 10.45 -16.76 -23.49
C ILE A 798 9.69 -15.94 -24.52
N HIS A 799 9.29 -16.58 -25.62
CA HIS A 799 8.49 -16.00 -26.73
C HIS A 799 7.03 -16.40 -26.52
N SER A 800 6.24 -15.55 -25.88
CA SER A 800 4.88 -15.88 -25.39
C SER A 800 3.85 -15.32 -26.35
N GLU A 801 2.79 -16.10 -26.60
CA GLU A 801 1.55 -15.70 -27.33
C GLU A 801 0.51 -15.21 -26.32
N GLY A 802 0.86 -15.15 -25.03
CA GLY A 802 -0.10 -15.06 -23.91
C GLY A 802 -0.47 -16.44 -23.41
N GLN A 803 0.31 -16.97 -22.48
CA GLN A 803 0.20 -18.40 -22.09
C GLN A 803 0.89 -18.60 -20.75
N TRP A 804 0.56 -19.71 -20.10
CA TRP A 804 1.21 -20.22 -18.89
C TRP A 804 2.47 -20.97 -19.33
N VAL A 805 3.57 -20.76 -18.63
CA VAL A 805 4.89 -21.38 -18.91
C VAL A 805 5.41 -21.94 -17.60
N THR A 806 5.82 -23.20 -17.59
CA THR A 806 6.50 -23.85 -16.45
C THR A 806 7.99 -23.52 -16.56
N LEU A 807 8.58 -23.02 -15.47
CA LEU A 807 9.97 -22.55 -15.41
C LEU A 807 10.72 -23.39 -14.40
N PRO A 808 12.02 -23.70 -14.62
CA PRO A 808 12.86 -24.29 -13.59
C PRO A 808 12.99 -23.28 -12.44
N ALA A 809 12.80 -23.75 -11.20
CA ALA A 809 12.84 -22.89 -9.99
C ALA A 809 13.46 -23.69 -8.86
N PRO A 810 14.75 -24.08 -8.99
CA PRO A 810 15.45 -24.74 -7.90
C PRO A 810 15.55 -23.79 -6.70
N LEU A 811 15.93 -24.33 -5.54
CA LEU A 811 15.89 -23.64 -4.22
C LEU A 811 16.66 -22.32 -4.26
N ASP A 812 17.76 -22.26 -5.03
CA ASP A 812 18.69 -21.10 -5.08
C ASP A 812 18.25 -20.07 -6.15
N THR A 813 17.07 -20.25 -6.74
CA THR A 813 16.61 -19.46 -7.90
C THR A 813 15.26 -18.79 -7.60
N ILE A 814 15.10 -17.54 -8.03
CA ILE A 814 13.78 -16.91 -8.26
C ILE A 814 13.72 -16.47 -9.72
N ASN A 815 12.61 -16.76 -10.39
CA ASN A 815 12.41 -16.39 -11.79
C ASN A 815 12.12 -14.91 -11.88
N VAL A 816 12.95 -14.20 -12.64
CA VAL A 816 12.76 -12.76 -12.96
C VAL A 816 12.98 -12.61 -14.46
N HIS A 817 12.05 -12.00 -15.17
CA HIS A 817 12.16 -11.75 -16.64
C HIS A 817 12.00 -10.26 -16.96
N LEU A 818 12.81 -9.78 -17.90
CA LEU A 818 12.79 -8.41 -18.43
C LEU A 818 12.01 -8.39 -19.74
N ARG A 819 10.98 -7.56 -19.83
CA ARG A 819 10.12 -7.37 -21.03
C ARG A 819 10.94 -6.72 -22.17
N ALA A 820 10.92 -7.34 -23.34
CA ALA A 820 11.52 -6.78 -24.57
C ALA A 820 11.02 -5.35 -24.77
N GLY A 821 11.93 -4.45 -25.14
CA GLY A 821 11.62 -3.05 -25.44
C GLY A 821 11.90 -2.14 -24.26
N TYR A 822 12.51 -2.65 -23.21
CA TYR A 822 12.83 -1.88 -21.97
C TYR A 822 14.34 -1.97 -21.64
N ILE A 823 14.84 -0.84 -21.15
CA ILE A 823 16.23 -0.64 -20.65
C ILE A 823 16.16 -0.33 -19.15
N ILE A 824 16.92 -1.06 -18.36
CA ILE A 824 16.96 -1.01 -16.87
C ILE A 824 18.33 -0.50 -16.46
N PRO A 825 18.41 0.59 -15.70
CA PRO A 825 19.67 1.03 -15.11
C PRO A 825 19.99 0.17 -13.88
N LEU A 826 21.25 -0.24 -13.74
CA LEU A 826 21.77 -1.05 -12.60
C LEU A 826 23.01 -0.35 -12.03
N GLN A 827 23.34 -0.64 -10.77
CA GLN A 827 24.52 -0.07 -10.11
C GLN A 827 25.33 -1.19 -9.43
N GLY A 828 26.63 -0.97 -9.30
CA GLY A 828 27.58 -1.93 -8.71
C GLY A 828 27.24 -2.24 -7.26
N PRO A 829 27.83 -3.30 -6.69
CA PRO A 829 27.45 -3.81 -5.38
C PRO A 829 27.92 -2.93 -4.22
N GLY A 830 27.32 -3.13 -3.05
CA GLY A 830 27.71 -2.52 -1.78
C GLY A 830 27.01 -3.20 -0.63
N LEU A 831 27.55 -3.09 0.58
CA LEU A 831 26.86 -3.60 1.79
C LEU A 831 25.90 -2.52 2.29
N THR A 832 26.03 -1.28 1.81
CA THR A 832 25.10 -0.16 2.08
C THR A 832 24.84 0.61 0.78
N THR A 833 23.82 1.47 0.76
CA THR A 833 23.52 2.38 -0.37
C THR A 833 24.57 3.48 -0.40
N THR A 834 25.18 3.80 0.74
CA THR A 834 26.30 4.77 0.81
C THR A 834 27.43 4.26 -0.10
N GLU A 835 27.74 2.97 -0.02
CA GLU A 835 28.77 2.30 -0.85
C GLU A 835 28.25 2.14 -2.29
N SER A 836 27.04 1.59 -2.47
CA SER A 836 26.48 1.18 -3.79
C SER A 836 26.30 2.41 -4.70
N ARG A 837 25.97 3.58 -4.14
CA ARG A 837 25.71 4.83 -4.90
C ARG A 837 27.02 5.38 -5.48
N GLN A 838 28.17 4.98 -4.96
CA GLN A 838 29.49 5.45 -5.44
C GLN A 838 29.98 4.57 -6.59
N GLN A 839 29.31 3.45 -6.85
CA GLN A 839 29.77 2.41 -7.80
C GLN A 839 29.42 2.84 -9.23
N PRO A 840 30.16 2.34 -10.25
CA PRO A 840 29.78 2.54 -11.64
C PRO A 840 28.40 1.91 -11.90
N MET A 841 27.74 2.37 -12.96
CA MET A 841 26.43 1.85 -13.38
C MET A 841 26.59 1.02 -14.66
N ALA A 842 25.56 0.24 -14.95
CA ALA A 842 25.43 -0.65 -16.11
C ALA A 842 24.02 -0.47 -16.70
N LEU A 843 23.87 -0.75 -17.99
CA LEU A 843 22.55 -0.82 -18.65
C LEU A 843 22.25 -2.25 -19.09
N ALA A 844 21.05 -2.75 -18.79
CA ALA A 844 20.43 -3.95 -19.40
C ALA A 844 19.43 -3.50 -20.45
N VAL A 845 19.72 -3.78 -21.72
CA VAL A 845 18.90 -3.38 -22.90
C VAL A 845 18.21 -4.62 -23.46
N ALA A 846 16.88 -4.74 -23.29
CA ALA A 846 16.05 -5.85 -23.81
C ALA A 846 15.46 -5.42 -25.16
N LEU A 847 16.08 -5.87 -26.26
CA LEU A 847 15.66 -5.45 -27.63
C LEU A 847 14.35 -6.17 -27.98
N THR A 848 13.43 -5.44 -28.60
CA THR A 848 12.31 -6.02 -29.37
C THR A 848 12.88 -6.75 -30.58
N LYS A 849 12.07 -7.59 -31.23
CA LYS A 849 12.34 -8.22 -32.53
C LYS A 849 12.85 -7.15 -33.51
N GLY A 850 12.25 -5.95 -33.53
CA GLY A 850 12.59 -4.83 -34.44
C GLY A 850 13.82 -4.05 -33.98
N GLY A 851 14.45 -4.47 -32.89
CA GLY A 851 15.72 -3.89 -32.39
C GLY A 851 15.54 -2.59 -31.61
N GLU A 852 14.40 -2.40 -30.93
CA GLU A 852 14.11 -1.13 -30.20
C GLU A 852 13.98 -1.39 -28.70
N ALA A 853 14.30 -0.39 -27.91
CA ALA A 853 14.14 -0.41 -26.45
C ALA A 853 14.23 1.01 -25.90
N ARG A 854 13.60 1.23 -24.76
CA ARG A 854 13.51 2.56 -24.09
C ARG A 854 13.59 2.37 -22.58
N GLY A 855 14.21 3.30 -21.90
CA GLY A 855 14.27 3.30 -20.44
C GLY A 855 14.65 4.67 -19.91
N GLU A 856 14.80 4.78 -18.61
CA GLU A 856 15.11 6.09 -18.01
C GLU A 856 15.80 5.90 -16.67
N LEU A 857 16.50 6.95 -16.25
CA LEU A 857 17.11 7.07 -14.92
C LEU A 857 16.79 8.45 -14.34
N PHE A 858 16.20 8.45 -13.16
CA PHE A 858 16.11 9.62 -12.26
C PHE A 858 17.15 9.45 -11.17
N TRP A 859 17.89 10.52 -10.88
CA TRP A 859 18.92 10.52 -9.82
C TRP A 859 18.91 11.87 -9.11
N ASP A 860 19.00 11.83 -7.79
CA ASP A 860 19.17 13.03 -6.93
C ASP A 860 20.09 12.63 -5.78
N ASP A 861 20.18 13.47 -4.74
CA ASP A 861 21.14 13.26 -3.64
C ASP A 861 20.59 12.16 -2.71
N GLY A 862 19.36 11.73 -2.91
CA GLY A 862 18.80 10.55 -2.24
C GLY A 862 18.14 10.86 -0.91
N GLU A 863 18.15 12.12 -0.43
CA GLU A 863 17.41 12.43 0.83
C GLU A 863 16.95 13.88 0.97
N SER A 864 17.35 14.83 0.12
CA SER A 864 16.96 16.25 0.32
C SER A 864 15.44 16.42 0.12
N LEU A 865 14.87 17.41 0.79
CA LEU A 865 13.50 17.90 0.54
C LEU A 865 13.49 18.81 -0.69
N GLU A 866 12.36 18.82 -1.41
CA GLU A 866 11.98 19.84 -2.43
C GLU A 866 12.90 19.72 -3.65
N VAL A 867 13.35 18.52 -3.97
CA VAL A 867 14.27 18.26 -5.10
C VAL A 867 13.64 18.69 -6.43
N LEU A 868 12.40 18.29 -6.71
CA LEU A 868 11.79 18.53 -8.04
C LEU A 868 11.53 20.04 -8.21
N GLU A 869 11.08 20.69 -7.13
CA GLU A 869 10.74 22.13 -7.12
C GLU A 869 12.03 22.95 -7.33
N ARG A 870 13.15 22.53 -6.75
CA ARG A 870 14.43 23.25 -6.85
C ARG A 870 15.17 22.81 -8.12
N GLY A 871 14.76 21.72 -8.76
CA GLY A 871 15.44 21.14 -9.95
C GLY A 871 16.78 20.49 -9.62
N ALA A 872 16.95 19.91 -8.43
CA ALA A 872 18.24 19.38 -7.93
C ALA A 872 18.33 17.88 -8.23
N TYR A 873 18.21 17.54 -9.51
CA TYR A 873 18.18 16.14 -9.98
C TYR A 873 18.64 16.07 -11.44
N THR A 874 18.93 14.84 -11.84
CA THR A 874 19.33 14.47 -13.20
C THR A 874 18.36 13.41 -13.70
N GLN A 875 17.83 13.62 -14.89
CA GLN A 875 16.92 12.68 -15.56
C GLN A 875 17.47 12.41 -16.96
N VAL A 876 17.61 11.14 -17.28
CA VAL A 876 18.19 10.66 -18.57
C VAL A 876 17.25 9.61 -19.13
N ILE A 877 17.06 9.62 -20.44
CA ILE A 877 16.33 8.56 -21.18
C ILE A 877 17.34 7.81 -22.04
N PHE A 878 17.19 6.49 -22.12
CA PHE A 878 18.01 5.59 -22.95
C PHE A 878 17.14 5.06 -24.09
N LEU A 879 17.64 5.12 -25.31
CA LEU A 879 16.94 4.67 -26.55
C LEU A 879 17.85 3.71 -27.30
N ALA A 880 17.39 2.49 -27.53
CA ALA A 880 18.00 1.53 -28.46
C ALA A 880 17.18 1.55 -29.75
N ARG A 881 17.87 1.68 -30.88
CA ARG A 881 17.28 1.70 -32.24
C ARG A 881 18.41 1.42 -33.22
N ASN A 882 18.16 0.57 -34.23
CA ASN A 882 19.01 0.40 -35.44
C ASN A 882 20.44 0.13 -34.98
N ASN A 883 20.63 -0.82 -34.05
CA ASN A 883 21.95 -1.28 -33.55
C ASN A 883 22.70 -0.12 -32.87
N THR A 884 21.99 0.83 -32.26
CA THR A 884 22.62 1.94 -31.49
C THR A 884 21.88 2.10 -30.17
N ILE A 885 22.62 2.53 -29.15
CA ILE A 885 22.10 2.94 -27.82
C ILE A 885 22.60 4.36 -27.59
N VAL A 886 21.69 5.28 -27.28
CA VAL A 886 22.03 6.69 -26.97
C VAL A 886 21.38 7.03 -25.63
N ASN A 887 21.87 8.07 -24.96
CA ASN A 887 21.17 8.71 -23.83
C ASN A 887 20.59 10.03 -24.33
N GLU A 888 19.45 10.42 -23.77
CA GLU A 888 18.80 11.73 -23.98
C GLU A 888 18.76 12.45 -22.62
N LEU A 889 19.37 13.62 -22.57
CA LEU A 889 19.53 14.40 -21.32
C LEU A 889 18.28 15.26 -21.14
N VAL A 890 17.33 14.83 -20.32
CA VAL A 890 16.15 15.67 -19.96
C VAL A 890 16.64 16.78 -19.02
N ARG A 891 17.41 16.40 -18.00
CA ARG A 891 18.01 17.37 -17.08
C ARG A 891 19.32 16.81 -16.53
N VAL A 892 20.34 17.65 -16.43
CA VAL A 892 21.67 17.31 -15.85
C VAL A 892 22.05 18.40 -14.85
N THR A 893 22.30 18.02 -13.60
CA THR A 893 22.80 18.94 -12.53
C THR A 893 23.95 18.22 -11.82
N SER A 894 24.59 18.89 -10.86
CA SER A 894 25.77 18.40 -10.09
C SER A 894 25.47 17.03 -9.52
N GLU A 895 24.22 16.83 -9.11
CA GLU A 895 23.71 15.55 -8.57
C GLU A 895 23.38 14.63 -9.75
N GLY A 896 24.32 13.77 -10.13
CA GLY A 896 24.16 12.80 -11.25
C GLY A 896 25.08 13.06 -12.43
N ALA A 897 25.82 14.17 -12.44
CA ALA A 897 26.69 14.58 -13.56
C ALA A 897 27.78 13.53 -13.80
N GLY A 898 28.48 13.16 -12.72
CA GLY A 898 29.62 12.23 -12.76
C GLY A 898 29.23 10.78 -12.48
N LEU A 899 28.03 10.37 -12.89
CA LEU A 899 27.63 8.93 -12.83
C LEU A 899 28.39 8.23 -13.94
N GLN A 900 29.11 7.15 -13.61
CA GLN A 900 29.95 6.41 -14.57
C GLN A 900 29.16 5.21 -15.10
N LEU A 901 29.00 5.12 -16.42
CA LEU A 901 28.47 3.93 -17.11
C LEU A 901 29.65 3.09 -17.58
N GLN A 902 29.79 1.85 -17.10
CA GLN A 902 30.98 1.02 -17.43
C GLN A 902 30.59 -0.27 -18.16
N LYS A 903 29.29 -0.59 -18.25
CA LYS A 903 28.83 -1.89 -18.79
C LYS A 903 27.47 -1.71 -19.47
N VAL A 904 27.33 -2.24 -20.68
CA VAL A 904 26.06 -2.29 -21.47
C VAL A 904 25.83 -3.75 -21.90
N THR A 905 24.77 -4.37 -21.39
CA THR A 905 24.34 -5.74 -21.73
C THR A 905 23.12 -5.64 -22.66
N VAL A 906 23.23 -6.16 -23.87
CA VAL A 906 22.14 -6.10 -24.88
C VAL A 906 21.60 -7.52 -25.06
N LEU A 907 20.32 -7.71 -24.77
CA LEU A 907 19.62 -9.01 -24.88
C LEU A 907 18.90 -9.05 -26.22
N GLY A 908 18.91 -10.20 -26.88
CA GLY A 908 18.17 -10.46 -28.13
C GLY A 908 18.94 -10.00 -29.35
N VAL A 909 20.27 -10.02 -29.29
CA VAL A 909 21.15 -9.70 -30.46
C VAL A 909 21.35 -11.00 -31.24
N ALA A 910 20.82 -11.04 -32.47
CA ALA A 910 20.61 -12.25 -33.30
C ALA A 910 21.95 -12.87 -33.74
N THR A 911 22.86 -12.07 -34.30
CA THR A 911 24.18 -12.56 -34.78
C THR A 911 25.32 -11.81 -34.10
N ALA A 912 26.41 -12.54 -33.85
CA ALA A 912 27.70 -11.99 -33.37
C ALA A 912 28.04 -10.75 -34.20
N PRO A 913 28.31 -9.58 -33.57
CA PRO A 913 28.84 -8.43 -34.30
C PRO A 913 30.34 -8.55 -34.63
N GLN A 914 30.73 -7.92 -35.73
CA GLN A 914 32.14 -7.85 -36.18
C GLN A 914 32.83 -6.67 -35.47
N GLN A 915 32.09 -5.62 -35.12
CA GLN A 915 32.68 -4.47 -34.39
C GLN A 915 31.66 -3.83 -33.46
N VAL A 916 32.13 -3.37 -32.30
CA VAL A 916 31.35 -2.60 -31.30
C VAL A 916 32.07 -1.28 -31.07
N LEU A 917 31.38 -0.17 -31.28
CA LEU A 917 31.93 1.21 -31.16
C LEU A 917 31.29 1.94 -29.98
N SER A 918 32.10 2.71 -29.26
CA SER A 918 31.66 3.69 -28.25
C SER A 918 32.12 5.07 -28.72
N ASN A 919 31.18 5.93 -29.11
CA ASN A 919 31.48 7.28 -29.64
C ASN A 919 32.44 7.14 -30.84
N GLY A 920 32.26 6.12 -31.68
CA GLY A 920 32.92 6.00 -33.00
C GLY A 920 34.26 5.26 -32.93
N VAL A 921 34.65 4.77 -31.76
CA VAL A 921 35.97 4.12 -31.51
C VAL A 921 35.73 2.68 -31.06
N PRO A 922 36.47 1.70 -31.60
CA PRO A 922 36.33 0.31 -31.17
C PRO A 922 36.49 0.17 -29.64
N VAL A 923 35.55 -0.52 -28.98
CA VAL A 923 35.56 -0.68 -27.49
C VAL A 923 36.71 -1.61 -27.10
N SER A 924 37.31 -1.36 -25.92
CA SER A 924 38.43 -2.15 -25.33
C SER A 924 38.08 -3.64 -25.33
N ASN A 925 36.82 -4.00 -25.05
CA ASN A 925 36.39 -5.41 -24.82
C ASN A 925 34.86 -5.55 -24.91
N PHE A 926 34.41 -6.63 -25.56
CA PHE A 926 33.02 -7.10 -25.56
C PHE A 926 33.03 -8.62 -25.71
N THR A 927 32.01 -9.30 -25.21
CA THR A 927 31.77 -10.75 -25.45
C THR A 927 30.37 -10.91 -26.01
N TYR A 928 30.20 -11.87 -26.91
CA TYR A 928 28.90 -12.28 -27.46
C TYR A 928 28.71 -13.77 -27.19
N SER A 929 27.55 -14.17 -26.66
CA SER A 929 27.19 -15.60 -26.43
CA SER A 929 27.20 -15.59 -26.43
C SER A 929 26.17 -16.03 -27.47
N PRO A 930 26.52 -16.93 -28.41
CA PRO A 930 25.59 -17.34 -29.48
C PRO A 930 24.39 -18.10 -28.90
N ASP A 931 24.63 -18.78 -27.77
CA ASP A 931 23.63 -19.59 -27.03
C ASP A 931 22.51 -18.68 -26.50
N THR A 932 22.87 -17.67 -25.70
CA THR A 932 21.94 -16.81 -24.92
C THR A 932 21.54 -15.59 -25.76
N LYS A 933 22.30 -15.29 -26.81
CA LYS A 933 22.13 -14.11 -27.71
C LYS A 933 22.37 -12.79 -26.95
N VAL A 934 23.35 -12.78 -26.05
CA VAL A 934 23.66 -11.61 -25.20
C VAL A 934 24.96 -10.98 -25.68
N LEU A 935 24.95 -9.66 -25.89
CA LEU A 935 26.13 -8.83 -26.22
C LEU A 935 26.50 -8.01 -24.98
N ASP A 936 27.69 -8.25 -24.44
CA ASP A 936 28.21 -7.63 -23.19
C ASP A 936 29.38 -6.71 -23.56
N ILE A 937 29.29 -5.42 -23.25
CA ILE A 937 30.20 -4.34 -23.75
C ILE A 937 30.75 -3.59 -22.54
N CYS A 938 32.07 -3.47 -22.44
CA CYS A 938 32.77 -2.59 -21.48
C CYS A 938 32.92 -1.22 -22.12
N VAL A 939 32.66 -0.17 -21.34
CA VAL A 939 32.69 1.24 -21.81
C VAL A 939 33.16 2.13 -20.64
N SER A 940 33.51 3.38 -20.96
CA SER A 940 33.89 4.45 -20.01
C SER A 940 33.11 5.71 -20.38
N LEU A 941 31.84 5.74 -20.02
CA LEU A 941 30.88 6.81 -20.38
C LEU A 941 30.32 7.43 -19.11
N LEU A 942 29.69 8.59 -19.27
CA LEU A 942 29.01 9.36 -18.19
C LEU A 942 27.53 9.48 -18.56
N MET A 943 26.66 9.09 -17.63
CA MET A 943 25.19 9.19 -17.79
C MET A 943 24.81 10.60 -18.24
N GLY A 944 25.56 11.60 -17.80
CA GLY A 944 25.21 13.03 -17.96
C GLY A 944 25.84 13.66 -19.20
N GLU A 945 26.50 12.86 -20.03
CA GLU A 945 27.16 13.32 -21.27
C GLU A 945 26.69 12.43 -22.44
N GLN A 946 26.25 13.03 -23.55
CA GLN A 946 25.71 12.32 -24.74
C GLN A 946 26.74 11.30 -25.26
N PHE A 947 26.31 10.06 -25.41
CA PHE A 947 27.11 8.94 -25.96
C PHE A 947 26.30 8.26 -27.07
N LEU A 948 27.00 7.60 -27.98
CA LEU A 948 26.41 6.66 -28.96
C LEU A 948 27.22 5.36 -28.94
N VAL A 949 26.61 4.27 -28.49
CA VAL A 949 27.18 2.89 -28.57
C VAL A 949 26.52 2.18 -29.75
N SER A 950 27.32 1.63 -30.67
CA SER A 950 26.83 1.01 -31.93
C SER A 950 27.54 -0.32 -32.14
N TRP A 951 26.89 -1.24 -32.84
CA TRP A 951 27.48 -2.55 -33.22
C TRP A 951 26.96 -2.96 -34.59
N CYS A 952 27.50 -4.03 -35.18
CA CYS A 952 27.10 -4.56 -36.51
C CYS A 952 27.98 -5.75 -36.89
#